data_2NT6
#
_entry.id   2NT6
#
_cell.length_a   51.066
_cell.length_b   85.122
_cell.length_c   97.380
_cell.angle_alpha   90.00
_cell.angle_beta   93.37
_cell.angle_gamma   90.00
#
_symmetry.space_group_name_H-M   'P 1 21 1'
#
loop_
_entity.id
_entity.type
_entity.pdbx_description
1 polymer 'Pectinesterase A'
2 branched 'methyl alpha-D-galactopyranuronate-(1-4)-alpha-D-galactopyranuronic acid-(1-4)-alpha-D-galactopyranuronic acid-(1-4)-alpha-D-galactopyranuronic acid-(1-4)-alpha-D-galactopyranuronic acid-(1-4)-methyl alpha-D-galactopyranuronate'
3 water water
#
_entity_poly.entity_id   1
_entity_poly.type   'polypeptide(L)'
_entity_poly.pdbx_seq_one_letter_code
;ATTYNAVVSKSSSDGKTFKTIADAIASAPAGSTPFVILIKNGVYNERLTITRNNLHLKGESRNGAVIAAATAAGTLKSDG
SKWGTAGSSTITISAKDFSAQSLTIRNDFDFPANQAKSDSDSSKIKDTQAVALYVTKSGDRAYFKDVSLVGYQATLYVSG
GRSFFSDCRISGTVDFIFGDGTALFNNCDLVSRYRADVKSGNVSGYLTAPSTNINQKYGLVITNSRVIRESDSVPAKSYG
LGRPWHPTTTFSDGRYADPNAIGQTVFLNTSMDNHIYGWDKMSGKDKNGNTIWFNPEDSRFFEYKSYGAGATVSKDRRQL
TDAQAAEYTQSKVLGDWTPTLP
;
_entity_poly.pdbx_strand_id   A,B
#
loop_
_chem_comp.id
_chem_comp.type
_chem_comp.name
_chem_comp.formula
ADA D-saccharide, alpha linking 'alpha-D-galactopyranuronic acid' 'C6 H10 O7'
M8C D-saccharide, alpha linking 'methyl alpha-D-galactopyranuronate' 'C7 H12 O7'
#
# COMPACT_ATOMS: atom_id res chain seq x y z
N ALA A 1 -30.77 -26.20 0.01
CA ALA A 1 -32.20 -26.15 -0.43
C ALA A 1 -32.66 -24.71 -0.67
N THR A 2 -32.66 -24.30 -1.94
CA THR A 2 -33.08 -22.95 -2.32
C THR A 2 -34.31 -22.99 -3.24
N THR A 3 -35.33 -22.23 -2.87
CA THR A 3 -36.59 -22.17 -3.63
C THR A 3 -37.08 -20.71 -3.77
N TYR A 4 -37.77 -20.44 -4.88
CA TYR A 4 -38.24 -19.07 -5.17
C TYR A 4 -39.76 -18.94 -5.05
N ASN A 5 -40.19 -17.84 -4.44
CA ASN A 5 -41.61 -17.52 -4.33
C ASN A 5 -42.20 -17.00 -5.63
N ALA A 6 -41.37 -16.33 -6.44
CA ALA A 6 -41.78 -15.79 -7.73
C ALA A 6 -40.60 -15.77 -8.70
N VAL A 7 -40.90 -15.88 -10.00
CA VAL A 7 -39.89 -15.81 -11.04
C VAL A 7 -40.29 -14.73 -12.07
N VAL A 8 -39.32 -13.91 -12.45
CA VAL A 8 -39.50 -12.89 -13.48
C VAL A 8 -38.68 -13.27 -14.70
N SER A 9 -39.29 -13.17 -15.88
CA SER A 9 -38.59 -13.43 -17.14
C SER A 9 -39.16 -12.62 -18.30
N LYS A 10 -38.33 -12.46 -19.34
CA LYS A 10 -38.72 -11.77 -20.56
C LYS A 10 -39.50 -12.67 -21.51
N SER A 11 -39.34 -13.98 -21.33
CA SER A 11 -39.89 -14.97 -22.26
C SER A 11 -41.29 -15.45 -21.89
N SER A 12 -42.15 -15.55 -22.90
CA SER A 12 -43.47 -16.16 -22.74
C SER A 12 -43.35 -17.68 -22.88
N SER A 13 -42.27 -18.12 -23.53
CA SER A 13 -41.93 -19.53 -23.66
C SER A 13 -41.28 -20.07 -22.38
N ASP A 14 -41.02 -19.18 -21.43
CA ASP A 14 -40.41 -19.55 -20.14
C ASP A 14 -41.40 -20.30 -19.24
N GLY A 15 -42.62 -19.80 -19.16
CA GLY A 15 -43.69 -20.48 -18.43
C GLY A 15 -44.48 -19.61 -17.46
N LYS A 16 -44.61 -20.09 -16.23
CA LYS A 16 -45.40 -19.44 -15.19
C LYS A 16 -44.62 -18.32 -14.47
N THR A 17 -44.30 -17.27 -15.21
CA THR A 17 -43.43 -16.20 -14.72
C THR A 17 -44.09 -14.82 -14.82
N PHE A 18 -43.63 -13.90 -13.97
CA PHE A 18 -44.04 -12.49 -14.06
C PHE A 18 -43.25 -11.80 -15.17
N LYS A 19 -43.89 -10.84 -15.83
CA LYS A 19 -43.23 -10.09 -16.90
C LYS A 19 -42.45 -8.88 -16.37
N THR A 20 -42.88 -8.33 -15.24
CA THR A 20 -42.16 -7.23 -14.60
C THR A 20 -41.77 -7.54 -13.15
N ILE A 21 -40.65 -6.97 -12.70
CA ILE A 21 -40.19 -7.13 -11.33
C ILE A 21 -41.16 -6.47 -10.33
N ALA A 22 -41.69 -5.32 -10.69
CA ALA A 22 -42.68 -4.62 -9.87
C ALA A 22 -43.91 -5.49 -9.57
N ASP A 23 -44.41 -6.20 -10.59
CA ASP A 23 -45.55 -7.11 -10.40
C ASP A 23 -45.22 -8.25 -9.43
N ALA A 24 -44.02 -8.83 -9.58
CA ALA A 24 -43.58 -9.92 -8.71
C ALA A 24 -43.46 -9.46 -7.26
N ILE A 25 -42.89 -8.27 -7.05
CA ILE A 25 -42.74 -7.71 -5.72
C ILE A 25 -44.11 -7.43 -5.08
N ALA A 26 -44.99 -6.81 -5.87
CA ALA A 26 -46.33 -6.48 -5.41
C ALA A 26 -47.16 -7.72 -5.05
N SER A 27 -46.90 -8.84 -5.71
CA SER A 27 -47.61 -10.09 -5.49
C SER A 27 -47.32 -10.73 -4.12
N ALA A 28 -46.25 -10.28 -3.47
CA ALA A 28 -45.86 -10.82 -2.16
C ALA A 28 -46.96 -10.59 -1.13
N PRO A 29 -47.32 -11.65 -0.37
CA PRO A 29 -48.34 -11.47 0.67
C PRO A 29 -47.88 -10.45 1.70
N ALA A 30 -48.83 -9.69 2.25
CA ALA A 30 -48.52 -8.74 3.32
C ALA A 30 -47.88 -9.49 4.49
N GLY A 31 -46.86 -8.88 5.09
CA GLY A 31 -46.16 -9.49 6.21
C GLY A 31 -44.64 -9.45 6.08
N SER A 32 -43.98 -10.34 6.81
CA SER A 32 -42.53 -10.29 6.96
C SER A 32 -41.83 -11.65 6.89
N THR A 33 -42.55 -12.66 6.43
CA THR A 33 -41.95 -13.93 6.03
C THR A 33 -41.07 -13.69 4.81
N PRO A 34 -39.98 -14.46 4.66
CA PRO A 34 -39.09 -14.24 3.52
C PRO A 34 -39.80 -14.41 2.18
N PHE A 35 -39.57 -13.47 1.27
CA PHE A 35 -40.11 -13.57 -0.10
C PHE A 35 -38.94 -13.40 -1.06
N VAL A 36 -38.70 -14.43 -1.86
CA VAL A 36 -37.53 -14.49 -2.74
C VAL A 36 -37.97 -14.53 -4.19
N ILE A 37 -37.42 -13.62 -5.00
CA ILE A 37 -37.77 -13.49 -6.40
C ILE A 37 -36.56 -13.74 -7.29
N LEU A 38 -36.68 -14.71 -8.20
CA LEU A 38 -35.65 -14.95 -9.20
C LEU A 38 -35.94 -14.06 -10.41
N ILE A 39 -34.90 -13.36 -10.87
CA ILE A 39 -35.02 -12.49 -12.04
C ILE A 39 -34.11 -13.03 -13.15
N LYS A 40 -34.73 -13.58 -14.19
CA LYS A 40 -33.98 -14.12 -15.32
C LYS A 40 -33.34 -13.00 -16.14
N ASN A 41 -32.27 -13.34 -16.86
CA ASN A 41 -31.52 -12.37 -17.68
C ASN A 41 -32.41 -11.51 -18.56
N GLY A 42 -32.07 -10.23 -18.63
CA GLY A 42 -32.81 -9.25 -19.41
C GLY A 42 -32.62 -7.88 -18.82
N VAL A 43 -33.00 -6.86 -19.58
CA VAL A 43 -32.96 -5.48 -19.10
C VAL A 43 -34.39 -5.06 -18.78
N TYR A 44 -34.64 -4.80 -17.51
CA TYR A 44 -35.95 -4.44 -17.01
C TYR A 44 -36.00 -2.94 -16.76
N ASN A 45 -36.73 -2.24 -17.64
CA ASN A 45 -36.85 -0.79 -17.56
C ASN A 45 -37.92 -0.41 -16.53
N GLU A 46 -37.50 -0.39 -15.27
CA GLU A 46 -38.43 -0.24 -14.15
C GLU A 46 -37.83 0.62 -13.06
N ARG A 47 -38.69 1.30 -12.33
CA ARG A 47 -38.31 1.96 -11.10
C ARG A 47 -39.05 1.28 -9.96
N LEU A 48 -38.32 0.95 -8.89
CA LEU A 48 -38.86 0.14 -7.81
C LEU A 48 -38.73 0.82 -6.46
N THR A 49 -39.76 0.67 -5.63
CA THR A 49 -39.72 1.09 -4.24
C THR A 49 -40.10 -0.10 -3.37
N ILE A 50 -39.18 -0.49 -2.50
CA ILE A 50 -39.36 -1.66 -1.64
C ILE A 50 -39.80 -1.23 -0.26
N THR A 51 -41.02 -1.60 0.13
CA THR A 51 -41.56 -1.24 1.43
C THR A 51 -41.87 -2.46 2.29
N ARG A 52 -41.72 -3.64 1.71
CA ARG A 52 -41.96 -4.90 2.44
C ARG A 52 -40.67 -5.44 3.03
N ASN A 53 -40.73 -5.75 4.32
CA ASN A 53 -39.59 -6.35 5.03
C ASN A 53 -39.30 -7.76 4.52
N ASN A 54 -38.03 -8.16 4.58
CA ASN A 54 -37.62 -9.53 4.29
C ASN A 54 -37.88 -9.93 2.83
N LEU A 55 -37.67 -8.98 1.92
CA LEU A 55 -37.77 -9.22 0.48
C LEU A 55 -36.38 -9.40 -0.11
N HIS A 56 -36.25 -10.35 -1.03
CA HIS A 56 -34.95 -10.72 -1.60
C HIS A 56 -35.03 -10.93 -3.10
N LEU A 57 -34.15 -10.24 -3.82
CA LEU A 57 -34.04 -10.38 -5.27
C LEU A 57 -32.78 -11.12 -5.63
N LYS A 58 -32.91 -12.08 -6.55
CA LYS A 58 -31.76 -12.82 -7.07
C LYS A 58 -31.81 -12.82 -8.59
N GLY A 59 -30.82 -12.17 -9.21
CA GLY A 59 -30.70 -12.17 -10.66
C GLY A 59 -30.01 -13.42 -11.15
N GLU A 60 -30.27 -13.78 -12.41
CA GLU A 60 -29.65 -14.94 -13.03
C GLU A 60 -28.13 -14.77 -13.12
N SER A 61 -27.70 -13.54 -13.36
CA SER A 61 -26.29 -13.20 -13.45
C SER A 61 -26.17 -11.69 -13.29
N ARG A 62 -25.07 -11.24 -12.68
CA ARG A 62 -24.80 -9.81 -12.60
C ARG A 62 -24.67 -9.20 -13.99
N ASN A 63 -23.99 -9.91 -14.88
CA ASN A 63 -23.76 -9.44 -16.26
C ASN A 63 -25.06 -9.24 -17.05
N GLY A 64 -26.02 -10.14 -16.85
CA GLY A 64 -27.21 -10.21 -17.69
C GLY A 64 -28.56 -9.81 -17.12
N ALA A 65 -28.66 -9.75 -15.80
CA ALA A 65 -29.91 -9.34 -15.15
C ALA A 65 -29.79 -7.90 -14.69
N VAL A 66 -30.47 -7.01 -15.41
CA VAL A 66 -30.30 -5.55 -15.25
C VAL A 66 -31.64 -4.86 -14.94
N ILE A 67 -31.62 -4.02 -13.91
CA ILE A 67 -32.76 -3.15 -13.60
C ILE A 67 -32.29 -1.72 -13.87
N ALA A 68 -32.98 -1.04 -14.78
CA ALA A 68 -32.49 0.25 -15.27
C ALA A 68 -33.61 1.25 -15.56
N ALA A 69 -33.36 2.51 -15.23
CA ALA A 69 -34.22 3.62 -15.61
C ALA A 69 -33.39 4.89 -15.66
N ALA A 70 -33.82 5.86 -16.47
CA ALA A 70 -33.11 7.13 -16.60
C ALA A 70 -33.89 8.24 -15.93
N THR A 71 -33.37 8.74 -14.81
CA THR A 71 -34.01 9.84 -14.10
C THR A 71 -32.94 10.70 -13.43
N ALA A 72 -32.90 11.99 -13.76
CA ALA A 72 -32.03 12.92 -13.04
C ALA A 72 -32.84 13.69 -12.00
N ALA A 73 -32.14 14.29 -11.03
CA ALA A 73 -32.78 15.15 -10.04
C ALA A 73 -33.58 16.28 -10.71
N GLY A 74 -33.04 16.78 -11.83
CA GLY A 74 -33.65 17.89 -12.58
C GLY A 74 -34.66 17.46 -13.63
N THR A 75 -34.86 16.16 -13.78
CA THR A 75 -35.93 15.63 -14.64
C THR A 75 -37.27 16.08 -14.04
N LEU A 76 -38.17 16.54 -14.92
CA LEU A 76 -39.47 17.06 -14.48
C LEU A 76 -40.57 16.02 -14.48
N LYS A 77 -41.41 16.07 -13.45
CA LYS A 77 -42.62 15.25 -13.36
C LYS A 77 -43.73 15.88 -14.18
N SER A 78 -44.90 15.24 -14.18
CA SER A 78 -46.09 15.73 -14.87
C SER A 78 -46.55 17.09 -14.38
N ASP A 79 -46.45 17.32 -13.07
CA ASP A 79 -46.87 18.58 -12.45
C ASP A 79 -45.85 19.71 -12.60
N GLY A 80 -44.76 19.43 -13.32
CA GLY A 80 -43.72 20.42 -13.60
C GLY A 80 -42.65 20.55 -12.53
N SER A 81 -42.77 19.74 -11.47
CA SER A 81 -41.79 19.75 -10.39
C SER A 81 -40.66 18.75 -10.67
N LYS A 82 -39.49 19.04 -10.11
CA LYS A 82 -38.31 18.19 -10.27
C LYS A 82 -38.42 16.96 -9.38
N TRP A 83 -37.88 15.84 -9.86
CA TRP A 83 -37.81 14.61 -9.05
C TRP A 83 -36.96 14.80 -7.81
N GLY A 84 -35.85 15.50 -7.95
CA GLY A 84 -34.90 15.69 -6.86
C GLY A 84 -33.98 14.50 -6.74
N THR A 85 -32.94 14.61 -5.91
CA THR A 85 -31.92 13.57 -5.79
C THR A 85 -32.52 12.26 -5.26
N ALA A 86 -33.14 12.32 -4.08
CA ALA A 86 -33.80 11.12 -3.53
C ALA A 86 -34.81 10.57 -4.54
N GLY A 87 -35.62 11.46 -5.11
CA GLY A 87 -36.65 11.06 -6.08
C GLY A 87 -36.18 10.47 -7.39
N SER A 88 -34.89 10.61 -7.70
CA SER A 88 -34.32 10.18 -8.98
C SER A 88 -33.96 8.69 -9.02
N SER A 89 -34.01 8.04 -7.86
CA SER A 89 -33.45 6.69 -7.71
C SER A 89 -34.18 5.63 -8.53
N THR A 90 -33.40 4.75 -9.14
CA THR A 90 -33.98 3.63 -9.89
C THR A 90 -34.60 2.63 -8.92
N ILE A 91 -33.87 2.30 -7.86
CA ILE A 91 -34.39 1.44 -6.79
C ILE A 91 -34.28 2.15 -5.44
N THR A 92 -35.39 2.17 -4.71
CA THR A 92 -35.45 2.77 -3.39
C THR A 92 -35.77 1.65 -2.39
N ILE A 93 -34.92 1.49 -1.38
CA ILE A 93 -35.13 0.48 -0.33
C ILE A 93 -35.58 1.18 0.94
N SER A 94 -36.86 0.98 1.28
CA SER A 94 -37.47 1.58 2.47
C SER A 94 -38.06 0.49 3.35
N ALA A 95 -37.29 -0.58 3.52
CA ALA A 95 -37.70 -1.73 4.32
C ALA A 95 -36.48 -2.36 4.97
N LYS A 96 -36.73 -3.30 5.88
CA LYS A 96 -35.67 -3.97 6.59
C LYS A 96 -35.39 -5.33 5.97
N ASP A 97 -34.17 -5.82 6.17
CA ASP A 97 -33.76 -7.17 5.76
C ASP A 97 -33.98 -7.44 4.27
N PHE A 98 -33.68 -6.42 3.45
CA PHE A 98 -33.65 -6.59 2.00
C PHE A 98 -32.32 -7.17 1.57
N SER A 99 -32.34 -8.02 0.54
CA SER A 99 -31.12 -8.40 -0.14
C SER A 99 -31.30 -8.44 -1.65
N ALA A 100 -30.24 -8.08 -2.37
CA ALA A 100 -30.18 -8.29 -3.81
C ALA A 100 -28.87 -9.01 -4.12
N GLN A 101 -28.94 -9.97 -5.03
CA GLN A 101 -27.78 -10.76 -5.42
C GLN A 101 -27.73 -10.93 -6.93
N SER A 102 -26.52 -10.84 -7.48
CA SER A 102 -26.22 -11.19 -8.89
C SER A 102 -27.10 -10.43 -9.87
N LEU A 103 -27.07 -9.09 -9.76
CA LEU A 103 -27.79 -8.24 -10.68
C LEU A 103 -27.16 -6.86 -10.78
N THR A 104 -27.50 -6.15 -11.85
CA THR A 104 -27.01 -4.80 -12.09
C THR A 104 -28.17 -3.83 -11.92
N ILE A 105 -27.91 -2.72 -11.22
CA ILE A 105 -28.90 -1.64 -11.05
C ILE A 105 -28.30 -0.37 -11.65
N ARG A 106 -28.99 0.23 -12.60
CA ARG A 106 -28.47 1.41 -13.30
C ARG A 106 -29.40 2.61 -13.21
N ASN A 107 -28.81 3.80 -13.10
CA ASN A 107 -29.50 4.99 -13.56
C ASN A 107 -28.91 5.37 -14.91
N ASP A 108 -29.76 5.34 -15.93
CA ASP A 108 -29.32 5.52 -17.31
C ASP A 108 -29.32 6.97 -17.78
N PHE A 109 -29.46 7.91 -16.84
CA PHE A 109 -29.32 9.32 -17.18
C PHE A 109 -27.97 9.53 -17.86
N ASP A 110 -28.03 10.02 -19.09
CA ASP A 110 -26.84 10.17 -19.91
C ASP A 110 -26.15 11.48 -19.56
N PHE A 111 -25.41 11.44 -18.45
CA PHE A 111 -24.68 12.62 -17.98
C PHE A 111 -23.78 13.24 -19.06
N PRO A 112 -22.92 12.42 -19.72
CA PRO A 112 -22.06 13.03 -20.76
C PRO A 112 -22.83 13.72 -21.90
N ALA A 113 -23.92 13.11 -22.36
CA ALA A 113 -24.73 13.72 -23.42
C ALA A 113 -25.34 15.02 -22.93
N ASN A 114 -25.82 15.03 -21.69
CA ASN A 114 -26.37 16.23 -21.07
C ASN A 114 -25.36 17.38 -21.06
N GLN A 115 -24.14 17.08 -20.60
CA GLN A 115 -23.08 18.10 -20.52
C GLN A 115 -22.65 18.62 -21.88
N ALA A 116 -22.77 17.78 -22.90
CA ALA A 116 -22.41 18.13 -24.28
C ALA A 116 -23.45 19.05 -24.94
N LYS A 117 -24.64 19.11 -24.36
CA LYS A 117 -25.68 20.00 -24.89
C LYS A 117 -25.23 21.46 -24.81
N SER A 118 -25.72 22.28 -25.75
CA SER A 118 -25.45 23.71 -25.74
C SER A 118 -26.07 24.33 -24.50
N ASP A 119 -25.41 25.35 -23.95
CA ASP A 119 -25.87 26.00 -22.72
C ASP A 119 -27.27 26.59 -22.82
N SER A 120 -27.67 26.99 -24.04
CA SER A 120 -29.00 27.57 -24.25
C SER A 120 -30.09 26.53 -24.48
N ASP A 121 -29.69 25.25 -24.58
CA ASP A 121 -30.63 24.14 -24.76
C ASP A 121 -31.49 23.99 -23.50
N SER A 122 -32.79 24.20 -23.65
CA SER A 122 -33.71 24.17 -22.49
C SER A 122 -33.83 22.77 -21.87
N SER A 123 -33.42 21.76 -22.62
CA SER A 123 -33.45 20.37 -22.15
C SER A 123 -32.18 19.98 -21.38
N LYS A 124 -31.21 20.89 -21.34
CA LYS A 124 -29.98 20.66 -20.56
C LYS A 124 -30.26 20.82 -19.07
N ILE A 125 -30.00 19.75 -18.33
CA ILE A 125 -30.30 19.68 -16.90
C ILE A 125 -29.11 20.17 -16.08
N LYS A 126 -29.38 21.01 -15.08
CA LYS A 126 -28.35 21.47 -14.16
C LYS A 126 -28.23 20.55 -12.94
N ASP A 127 -29.36 20.04 -12.46
CA ASP A 127 -29.39 19.12 -11.32
C ASP A 127 -29.13 17.71 -11.81
N THR A 128 -27.84 17.38 -11.93
CA THR A 128 -27.37 16.21 -12.65
C THR A 128 -27.21 14.93 -11.82
N GLN A 129 -27.53 15.00 -10.54
CA GLN A 129 -27.53 13.77 -9.74
C GLN A 129 -28.57 12.80 -10.29
N ALA A 130 -28.20 11.53 -10.35
CA ALA A 130 -29.07 10.51 -10.90
C ALA A 130 -28.77 9.20 -10.19
N VAL A 131 -29.53 8.94 -9.14
CA VAL A 131 -29.26 7.83 -8.22
C VAL A 131 -29.67 6.48 -8.79
N ALA A 132 -28.77 5.49 -8.67
CA ALA A 132 -29.09 4.12 -9.06
C ALA A 132 -29.81 3.38 -7.92
N LEU A 133 -29.23 3.47 -6.72
CA LEU A 133 -29.76 2.77 -5.55
C LEU A 133 -29.78 3.69 -4.35
N TYR A 134 -30.91 3.69 -3.65
CA TYR A 134 -31.13 4.55 -2.48
C TYR A 134 -31.64 3.69 -1.34
N VAL A 135 -30.88 3.65 -0.25
CA VAL A 135 -31.34 3.02 0.97
C VAL A 135 -31.77 4.16 1.89
N THR A 136 -33.05 4.19 2.26
CA THR A 136 -33.62 5.33 2.98
C THR A 136 -33.43 5.24 4.49
N LYS A 137 -33.90 6.27 5.20
CA LYS A 137 -33.89 6.30 6.66
C LYS A 137 -34.61 5.09 7.28
N SER A 138 -35.52 4.49 6.52
CA SER A 138 -36.31 3.34 6.96
C SER A 138 -35.61 2.02 6.69
N GLY A 139 -34.60 2.06 5.83
CA GLY A 139 -33.83 0.88 5.49
C GLY A 139 -32.83 0.57 6.59
N ASP A 140 -32.78 -0.70 6.96
CA ASP A 140 -31.74 -1.22 7.84
C ASP A 140 -31.52 -2.68 7.47
N ARG A 141 -30.27 -3.12 7.57
CA ARG A 141 -29.88 -4.50 7.27
C ARG A 141 -30.16 -4.84 5.81
N ALA A 142 -29.63 -4.01 4.91
CA ALA A 142 -29.75 -4.23 3.47
C ALA A 142 -28.44 -4.81 2.93
N TYR A 143 -28.54 -5.93 2.22
CA TYR A 143 -27.38 -6.70 1.80
C TYR A 143 -27.33 -6.81 0.28
N PHE A 144 -26.19 -6.43 -0.30
CA PHE A 144 -26.01 -6.47 -1.74
C PHE A 144 -24.77 -7.30 -2.05
N LYS A 145 -24.97 -8.46 -2.67
CA LYS A 145 -23.85 -9.34 -2.98
C LYS A 145 -23.77 -9.59 -4.48
N ASP A 146 -22.58 -9.42 -5.04
CA ASP A 146 -22.36 -9.62 -6.48
C ASP A 146 -23.34 -8.72 -7.27
N VAL A 147 -23.36 -7.45 -6.88
CA VAL A 147 -24.24 -6.46 -7.49
C VAL A 147 -23.38 -5.40 -8.16
N SER A 148 -23.86 -4.88 -9.29
CA SER A 148 -23.20 -3.78 -9.98
C SER A 148 -24.10 -2.58 -9.95
N LEU A 149 -23.58 -1.44 -9.51
CA LEU A 149 -24.33 -0.19 -9.45
C LEU A 149 -23.74 0.82 -10.41
N VAL A 150 -24.57 1.32 -11.32
CA VAL A 150 -24.11 2.15 -12.43
C VAL A 150 -24.72 3.55 -12.41
N GLY A 151 -23.85 4.56 -12.47
CA GLY A 151 -24.30 5.95 -12.64
C GLY A 151 -23.11 6.86 -12.86
N TYR A 152 -23.37 8.15 -12.81
CA TYR A 152 -22.30 9.15 -12.85
C TYR A 152 -22.33 9.91 -11.52
N GLN A 153 -23.09 10.99 -11.45
CA GLN A 153 -23.20 11.75 -10.21
C GLN A 153 -24.19 11.07 -9.27
N ALA A 154 -23.76 10.81 -8.03
CA ALA A 154 -24.65 10.35 -6.96
C ALA A 154 -25.25 8.95 -7.17
N THR A 155 -24.42 8.05 -7.69
CA THR A 155 -24.85 6.68 -7.99
C THR A 155 -25.53 5.95 -6.81
N LEU A 156 -24.89 5.97 -5.65
CA LEU A 156 -25.36 5.24 -4.47
C LEU A 156 -25.60 6.16 -3.27
N TYR A 157 -26.86 6.20 -2.84
CA TYR A 157 -27.33 7.03 -1.73
C TYR A 157 -27.61 6.08 -0.56
N VAL A 158 -26.72 6.07 0.42
CA VAL A 158 -26.88 5.22 1.60
C VAL A 158 -27.24 6.06 2.82
N SER A 159 -28.50 5.97 3.22
CA SER A 159 -29.00 6.67 4.40
C SER A 159 -29.49 5.64 5.41
N GLY A 160 -30.00 6.11 6.55
CA GLY A 160 -30.62 5.23 7.53
C GLY A 160 -29.65 4.33 8.26
N GLY A 161 -29.95 3.04 8.26
CA GLY A 161 -29.22 2.09 9.07
C GLY A 161 -28.02 1.47 8.37
N ARG A 162 -27.90 0.16 8.50
CA ARG A 162 -26.73 -0.56 8.02
C ARG A 162 -26.98 -1.22 6.68
N SER A 163 -26.00 -1.07 5.79
CA SER A 163 -25.99 -1.77 4.51
C SER A 163 -24.62 -2.39 4.32
N PHE A 164 -24.60 -3.53 3.62
CA PHE A 164 -23.37 -4.26 3.37
C PHE A 164 -23.30 -4.59 1.90
N PHE A 165 -22.19 -4.24 1.28
CA PHE A 165 -21.94 -4.48 -0.14
C PHE A 165 -20.72 -5.38 -0.27
N SER A 166 -20.90 -6.49 -0.98
CA SER A 166 -19.88 -7.54 -1.06
C SER A 166 -19.71 -8.00 -2.50
N ASP A 167 -18.47 -8.10 -2.97
CA ASP A 167 -18.17 -8.57 -4.33
C ASP A 167 -18.90 -7.71 -5.37
N CYS A 168 -18.75 -6.39 -5.24
CA CYS A 168 -19.57 -5.42 -5.94
C CYS A 168 -18.80 -4.64 -6.96
N ARG A 169 -19.53 -4.01 -7.88
CA ARG A 169 -18.96 -2.96 -8.71
C ARG A 169 -19.83 -1.72 -8.51
N ILE A 170 -19.19 -0.59 -8.30
CA ILE A 170 -19.92 0.68 -8.20
C ILE A 170 -19.15 1.71 -9.02
N SER A 171 -19.85 2.35 -9.96
CA SER A 171 -19.21 3.31 -10.84
C SER A 171 -19.85 4.68 -10.70
N GLY A 172 -19.07 5.71 -10.98
CA GLY A 172 -19.57 7.08 -10.90
C GLY A 172 -18.52 8.14 -11.02
N THR A 173 -18.93 9.38 -10.80
CA THR A 173 -18.07 10.55 -10.93
C THR A 173 -18.06 11.35 -9.64
N VAL A 174 -19.08 12.19 -9.47
CA VAL A 174 -19.15 13.13 -8.36
C VAL A 174 -20.00 12.55 -7.23
N ASP A 175 -19.39 12.39 -6.05
CA ASP A 175 -20.07 11.97 -4.83
C ASP A 175 -20.86 10.68 -5.05
N PHE A 176 -20.23 9.68 -5.67
CA PHE A 176 -21.00 8.52 -6.12
C PHE A 176 -21.35 7.48 -5.06
N ILE A 177 -20.77 7.63 -3.86
CA ILE A 177 -21.27 6.95 -2.67
C ILE A 177 -21.46 8.04 -1.63
N PHE A 178 -22.71 8.29 -1.24
CA PHE A 178 -22.98 9.43 -0.37
C PHE A 178 -24.10 9.16 0.62
N GLY A 179 -24.14 9.92 1.70
CA GLY A 179 -25.21 9.79 2.68
C GLY A 179 -24.72 9.51 4.09
N ASP A 180 -25.67 9.33 4.99
CA ASP A 180 -25.41 9.26 6.42
C ASP A 180 -25.55 7.85 7.01
N GLY A 181 -25.75 6.87 6.15
CA GLY A 181 -25.89 5.48 6.60
C GLY A 181 -24.59 4.87 7.10
N THR A 182 -24.70 3.70 7.72
CA THR A 182 -23.55 2.88 8.01
C THR A 182 -23.46 1.89 6.85
N ALA A 183 -22.47 2.09 5.98
CA ALA A 183 -22.34 1.29 4.78
C ALA A 183 -20.95 0.70 4.71
N LEU A 184 -20.89 -0.64 4.73
CA LEU A 184 -19.64 -1.37 4.69
C LEU A 184 -19.48 -2.01 3.33
N PHE A 185 -18.31 -1.82 2.71
CA PHE A 185 -18.04 -2.35 1.38
C PHE A 185 -16.85 -3.28 1.47
N ASN A 186 -17.02 -4.52 1.02
CA ASN A 186 -15.93 -5.48 1.04
C ASN A 186 -15.73 -6.15 -0.32
N ASN A 187 -14.49 -6.15 -0.79
CA ASN A 187 -14.15 -6.74 -2.06
C ASN A 187 -14.98 -6.18 -3.22
N CYS A 188 -15.16 -4.86 -3.26
CA CYS A 188 -15.80 -4.24 -4.43
C CYS A 188 -14.80 -3.44 -5.26
N ASP A 189 -15.15 -3.22 -6.52
CA ASP A 189 -14.42 -2.35 -7.40
C ASP A 189 -15.17 -1.04 -7.46
N LEU A 190 -14.50 0.03 -7.03
CA LEU A 190 -15.08 1.37 -7.10
C LEU A 190 -14.45 2.05 -8.31
N VAL A 191 -15.28 2.33 -9.31
CA VAL A 191 -14.81 2.71 -10.65
C VAL A 191 -15.05 4.20 -10.91
N SER A 192 -13.95 4.96 -10.96
CA SER A 192 -14.00 6.39 -11.24
C SER A 192 -14.08 6.62 -12.75
N ARG A 193 -15.13 7.32 -13.19
CA ARG A 193 -15.42 7.46 -14.61
C ARG A 193 -14.83 8.69 -15.28
N TYR A 194 -14.59 8.58 -16.58
CA TYR A 194 -14.04 9.66 -17.38
C TYR A 194 -15.04 10.81 -17.54
N ARG A 195 -14.54 12.04 -17.39
CA ARG A 195 -15.35 13.24 -17.56
C ARG A 195 -14.89 14.03 -18.76
N ALA A 196 -15.63 13.92 -19.87
CA ALA A 196 -15.29 14.64 -21.09
C ALA A 196 -15.42 16.15 -20.92
N ASP A 197 -16.22 16.55 -19.94
CA ASP A 197 -16.59 17.95 -19.73
C ASP A 197 -15.70 18.70 -18.73
N VAL A 198 -14.67 18.02 -18.23
CA VAL A 198 -13.76 18.62 -17.24
C VAL A 198 -12.42 18.96 -17.87
N LYS A 199 -12.01 20.23 -17.72
CA LYS A 199 -10.73 20.72 -18.25
C LYS A 199 -9.55 20.02 -17.61
N SER A 200 -8.46 19.89 -18.39
CA SER A 200 -7.21 19.38 -17.86
C SER A 200 -6.79 20.24 -16.67
N GLY A 201 -6.48 19.60 -15.55
CA GLY A 201 -6.07 20.31 -14.34
C GLY A 201 -7.17 20.52 -13.31
N ASN A 202 -8.42 20.24 -13.70
CA ASN A 202 -9.55 20.33 -12.76
C ASN A 202 -9.96 18.95 -12.24
N VAL A 203 -10.75 18.94 -11.17
CA VAL A 203 -11.17 17.69 -10.53
C VAL A 203 -12.33 17.04 -11.30
N SER A 204 -12.22 15.73 -11.54
CA SER A 204 -13.28 14.98 -12.20
C SER A 204 -14.36 14.48 -11.25
N GLY A 205 -13.98 14.12 -10.02
CA GLY A 205 -14.97 13.62 -9.08
C GLY A 205 -14.45 13.26 -7.70
N TYR A 206 -15.34 12.66 -6.92
CA TYR A 206 -15.08 12.28 -5.52
C TYR A 206 -15.80 10.97 -5.28
N LEU A 207 -15.10 9.99 -4.75
CA LEU A 207 -15.69 8.67 -4.51
C LEU A 207 -16.81 8.74 -3.50
N THR A 208 -16.58 9.47 -2.41
CA THR A 208 -17.55 9.50 -1.31
C THR A 208 -17.91 10.91 -0.89
N ALA A 209 -19.13 11.06 -0.39
CA ALA A 209 -19.57 12.31 0.23
C ALA A 209 -20.41 11.94 1.44
N PRO A 210 -19.75 11.54 2.53
CA PRO A 210 -20.48 11.08 3.71
C PRO A 210 -21.09 12.26 4.47
N SER A 211 -22.28 12.04 5.02
CA SER A 211 -22.99 13.01 5.84
C SER A 211 -23.25 12.46 7.24
N THR A 212 -22.42 11.48 7.63
CA THR A 212 -22.55 10.77 8.89
C THR A 212 -22.69 11.74 10.07
N ASN A 213 -23.75 11.58 10.87
CA ASN A 213 -23.88 12.38 12.08
C ASN A 213 -22.70 12.13 13.02
N ILE A 214 -22.21 13.18 13.66
CA ILE A 214 -21.04 13.09 14.55
C ILE A 214 -21.20 12.04 15.66
N ASN A 215 -22.44 11.79 16.09
CA ASN A 215 -22.71 10.84 17.18
C ASN A 215 -22.85 9.39 16.71
N GLN A 216 -22.87 9.19 15.39
CA GLN A 216 -22.92 7.87 14.79
C GLN A 216 -21.50 7.34 14.60
N LYS A 217 -21.24 6.14 15.12
CA LYS A 217 -19.88 5.61 15.18
C LYS A 217 -19.28 5.32 13.80
N TYR A 218 -20.08 4.74 12.91
CA TYR A 218 -19.58 4.35 11.60
C TYR A 218 -20.37 4.95 10.45
N GLY A 219 -19.63 5.40 9.43
CA GLY A 219 -20.23 5.93 8.22
C GLY A 219 -19.93 5.00 7.07
N LEU A 220 -19.12 5.49 6.13
CA LEU A 220 -18.74 4.70 4.95
C LEU A 220 -17.42 4.02 5.23
N VAL A 221 -17.43 2.69 5.22
CA VAL A 221 -16.24 1.90 5.53
C VAL A 221 -15.96 0.97 4.35
N ILE A 222 -14.80 1.16 3.71
CA ILE A 222 -14.44 0.42 2.50
C ILE A 222 -13.23 -0.48 2.81
N THR A 223 -13.39 -1.79 2.64
CA THR A 223 -12.36 -2.76 3.05
C THR A 223 -12.03 -3.71 1.90
N ASN A 224 -10.75 -4.07 1.79
CA ASN A 224 -10.30 -5.12 0.84
C ASN A 224 -10.84 -4.89 -0.56
N SER A 225 -10.83 -3.62 -0.98
CA SER A 225 -11.44 -3.22 -2.24
C SER A 225 -10.43 -2.66 -3.22
N ARG A 226 -10.91 -2.25 -4.39
CA ARG A 226 -10.07 -1.71 -5.43
C ARG A 226 -10.67 -0.40 -5.94
N VAL A 227 -9.88 0.66 -5.86
CA VAL A 227 -10.26 1.98 -6.33
C VAL A 227 -9.58 2.16 -7.69
N ILE A 228 -10.37 2.07 -8.75
CA ILE A 228 -9.83 1.95 -10.09
C ILE A 228 -10.38 3.02 -11.05
N ARG A 229 -9.57 3.35 -12.06
CA ARG A 229 -10.00 4.25 -13.12
C ARG A 229 -10.74 3.45 -14.20
N GLU A 230 -11.76 4.08 -14.76
CA GLU A 230 -12.57 3.48 -15.82
C GLU A 230 -11.75 3.25 -17.08
N SER A 231 -10.81 4.14 -17.33
CA SER A 231 -9.99 4.11 -18.54
C SER A 231 -8.70 4.87 -18.31
N ASP A 232 -7.73 4.67 -19.21
CA ASP A 232 -6.48 5.39 -19.16
C ASP A 232 -6.64 6.89 -19.43
N SER A 233 -7.82 7.30 -19.88
CA SER A 233 -8.11 8.72 -20.12
C SER A 233 -8.47 9.47 -18.84
N VAL A 234 -8.81 8.73 -17.78
CA VAL A 234 -9.01 9.34 -16.47
C VAL A 234 -7.64 9.80 -15.96
N PRO A 235 -7.45 11.13 -15.82
CA PRO A 235 -6.11 11.64 -15.51
C PRO A 235 -5.59 11.28 -14.12
N ALA A 236 -4.27 11.29 -13.96
CA ALA A 236 -3.68 11.20 -12.63
C ALA A 236 -4.17 12.37 -11.77
N LYS A 237 -4.40 12.09 -10.50
CA LYS A 237 -4.78 13.11 -9.51
C LYS A 237 -6.04 13.90 -9.90
N SER A 238 -7.05 13.17 -10.36
CA SER A 238 -8.32 13.75 -10.82
C SER A 238 -9.49 13.45 -9.89
N TYR A 239 -9.29 12.52 -8.96
CA TYR A 239 -10.37 12.05 -8.07
C TYR A 239 -10.01 12.16 -6.60
N GLY A 240 -10.95 12.68 -5.82
CA GLY A 240 -10.82 12.69 -4.37
C GLY A 240 -11.43 11.45 -3.75
N LEU A 241 -10.87 11.00 -2.64
CA LEU A 241 -11.40 9.87 -1.89
C LEU A 241 -12.72 10.22 -1.23
N GLY A 242 -12.88 11.48 -0.89
CA GLY A 242 -14.09 11.94 -0.20
C GLY A 242 -14.07 13.44 0.01
N ARG A 243 -15.26 13.99 0.17
CA ARG A 243 -15.43 15.37 0.61
C ARG A 243 -16.63 15.40 1.57
N PRO A 244 -16.65 16.34 2.54
CA PRO A 244 -17.67 16.28 3.59
C PRO A 244 -19.02 16.88 3.20
N TRP A 245 -20.03 16.02 3.06
CA TRP A 245 -21.37 16.49 2.75
C TRP A 245 -22.14 16.86 4.01
N HIS A 246 -22.46 18.14 4.14
CA HIS A 246 -23.31 18.64 5.21
C HIS A 246 -24.65 19.02 4.58
N PRO A 247 -25.62 18.09 4.57
CA PRO A 247 -26.82 18.28 3.76
C PRO A 247 -27.64 19.48 4.22
N THR A 248 -28.24 20.17 3.26
CA THR A 248 -29.21 21.21 3.58
C THR A 248 -30.33 20.54 4.37
N THR A 249 -30.58 21.08 5.56
CA THR A 249 -31.47 20.46 6.54
C THR A 249 -32.35 21.52 7.19
N THR A 250 -33.62 21.20 7.42
CA THR A 250 -34.54 22.12 8.08
C THR A 250 -34.41 22.04 9.59
N PHE A 251 -34.01 23.16 10.19
CA PHE A 251 -33.89 23.32 11.63
C PHE A 251 -34.93 24.33 12.09
N SER A 252 -35.08 24.46 13.41
CA SER A 252 -35.94 25.47 14.01
C SER A 252 -35.58 26.90 13.55
N ASP A 253 -34.30 27.16 13.32
CA ASP A 253 -33.81 28.49 12.92
C ASP A 253 -33.49 28.61 11.43
N GLY A 254 -34.09 27.74 10.62
CA GLY A 254 -33.99 27.83 9.17
C GLY A 254 -33.45 26.59 8.49
N ARG A 255 -33.26 26.71 7.19
CA ARG A 255 -32.82 25.60 6.36
C ARG A 255 -31.42 25.88 5.83
N TYR A 256 -30.45 25.04 6.23
CA TYR A 256 -29.04 25.28 5.92
C TYR A 256 -28.22 24.00 6.13
N ALA A 257 -26.93 24.06 5.78
CA ALA A 257 -26.03 22.91 5.87
C ALA A 257 -25.89 22.42 7.32
N ASP A 258 -26.15 21.13 7.53
CA ASP A 258 -26.15 20.53 8.85
C ASP A 258 -24.74 20.56 9.48
N PRO A 259 -24.57 21.33 10.58
CA PRO A 259 -23.23 21.44 11.18
C PRO A 259 -22.72 20.11 11.77
N ASN A 260 -23.64 19.25 12.18
CA ASN A 260 -23.29 18.02 12.88
C ASN A 260 -23.13 16.81 11.97
N ALA A 261 -23.33 17.02 10.67
CA ALA A 261 -23.10 15.97 9.68
C ALA A 261 -21.60 15.99 9.33
N ILE A 262 -20.82 15.38 10.22
CA ILE A 262 -19.37 15.36 10.08
C ILE A 262 -19.00 13.96 9.62
N GLY A 263 -18.97 13.82 8.30
CA GLY A 263 -18.95 12.51 7.64
C GLY A 263 -17.71 11.68 7.91
N GLN A 264 -17.90 10.36 7.90
CA GLN A 264 -16.80 9.41 8.02
C GLN A 264 -16.67 8.59 6.74
N THR A 265 -15.45 8.56 6.20
CA THR A 265 -15.05 7.57 5.20
C THR A 265 -13.72 6.98 5.63
N VAL A 266 -13.68 5.66 5.75
CA VAL A 266 -12.45 4.97 6.13
C VAL A 266 -12.15 3.87 5.10
N PHE A 267 -10.94 3.91 4.54
CA PHE A 267 -10.45 2.89 3.62
C PHE A 267 -9.47 1.99 4.36
N LEU A 268 -9.67 0.69 4.27
CA LEU A 268 -8.73 -0.27 4.86
C LEU A 268 -8.31 -1.32 3.83
N ASN A 269 -7.00 -1.57 3.75
CA ASN A 269 -6.45 -2.59 2.84
C ASN A 269 -7.02 -2.51 1.42
N THR A 270 -7.05 -1.29 0.89
CA THR A 270 -7.68 -1.02 -0.40
C THR A 270 -6.66 -0.49 -1.42
N SER A 271 -6.70 -1.03 -2.63
CA SER A 271 -5.82 -0.56 -3.70
C SER A 271 -6.37 0.71 -4.32
N MET A 272 -5.47 1.58 -4.76
CA MET A 272 -5.84 2.86 -5.35
C MET A 272 -4.91 3.17 -6.50
N ASP A 273 -5.47 3.39 -7.68
CA ASP A 273 -4.66 3.86 -8.81
C ASP A 273 -4.35 5.35 -8.66
N ASN A 274 -3.48 5.86 -9.52
CA ASN A 274 -2.98 7.22 -9.34
C ASN A 274 -3.93 8.35 -9.77
N HIS A 275 -5.17 8.00 -10.10
CA HIS A 275 -6.20 9.03 -10.32
C HIS A 275 -6.58 9.70 -8.99
N ILE A 276 -6.30 9.00 -7.89
CA ILE A 276 -6.56 9.53 -6.54
C ILE A 276 -5.51 10.54 -6.11
N TYR A 277 -5.96 11.72 -5.68
CA TYR A 277 -5.04 12.75 -5.14
C TYR A 277 -5.08 12.88 -3.62
N GLY A 278 -6.15 12.38 -3.01
CA GLY A 278 -6.37 12.53 -1.57
C GLY A 278 -7.81 12.94 -1.26
N TRP A 279 -7.97 13.69 -0.17
CA TRP A 279 -9.30 14.16 0.26
C TRP A 279 -9.56 15.58 -0.23
N ASP A 280 -10.80 16.04 -0.12
CA ASP A 280 -11.13 17.40 -0.55
C ASP A 280 -12.18 18.05 0.36
N LYS A 281 -12.36 19.35 0.17
CA LYS A 281 -13.37 20.12 0.89
C LYS A 281 -14.69 20.17 0.11
N MET A 282 -15.74 20.66 0.76
CA MET A 282 -17.04 20.81 0.12
C MET A 282 -17.75 22.00 0.71
N SER A 283 -18.51 22.71 -0.12
CA SER A 283 -19.22 23.91 0.32
C SER A 283 -20.71 23.65 0.54
N GLY A 284 -21.30 24.49 1.38
CA GLY A 284 -22.74 24.49 1.61
C GLY A 284 -23.15 25.92 1.91
N LYS A 285 -24.41 26.09 2.32
CA LYS A 285 -24.90 27.40 2.76
C LYS A 285 -25.16 27.39 4.26
N ASP A 286 -24.67 28.41 4.96
CA ASP A 286 -24.84 28.48 6.41
C ASP A 286 -26.20 29.10 6.82
N LYS A 287 -26.40 29.25 8.12
CA LYS A 287 -27.67 29.75 8.65
C LYS A 287 -28.02 31.17 8.22
N ASN A 288 -27.01 31.90 7.73
CA ASN A 288 -27.17 33.29 7.28
C ASN A 288 -27.30 33.40 5.76
N GLY A 289 -27.13 32.27 5.07
CA GLY A 289 -27.18 32.25 3.62
C GLY A 289 -25.85 32.45 2.94
N ASN A 290 -24.77 32.50 3.73
CA ASN A 290 -23.41 32.65 3.19
C ASN A 290 -22.79 31.29 2.84
N THR A 291 -21.91 31.29 1.86
CA THR A 291 -21.10 30.12 1.54
C THR A 291 -20.25 29.73 2.75
N ILE A 292 -20.26 28.44 3.08
CA ILE A 292 -19.43 27.90 4.13
C ILE A 292 -18.68 26.69 3.55
N TRP A 293 -17.39 26.59 3.87
CA TRP A 293 -16.57 25.47 3.42
C TRP A 293 -16.32 24.49 4.56
N PHE A 294 -16.52 23.21 4.27
CA PHE A 294 -16.24 22.14 5.20
C PHE A 294 -15.00 21.39 4.75
N ASN A 295 -14.02 21.30 5.65
CA ASN A 295 -12.69 20.84 5.30
C ASN A 295 -12.44 19.37 5.69
N PRO A 296 -11.64 18.65 4.88
CA PRO A 296 -11.36 17.24 5.15
C PRO A 296 -10.66 17.01 6.48
N GLU A 297 -9.80 17.94 6.89
CA GLU A 297 -9.07 17.82 8.16
C GLU A 297 -10.00 17.85 9.38
N ASP A 298 -11.18 18.42 9.22
CA ASP A 298 -12.17 18.49 10.28
C ASP A 298 -13.19 17.34 10.20
N SER A 299 -12.98 16.46 9.22
CA SER A 299 -13.88 15.34 8.97
C SER A 299 -13.22 14.01 9.37
N ARG A 300 -14.01 12.95 9.42
CA ARG A 300 -13.50 11.64 9.84
C ARG A 300 -13.03 10.83 8.63
N PHE A 301 -11.94 11.30 8.02
CA PHE A 301 -11.39 10.74 6.80
C PHE A 301 -10.08 10.04 7.12
N PHE A 302 -10.05 8.71 6.97
CA PHE A 302 -8.87 7.93 7.34
C PHE A 302 -8.56 6.81 6.36
N GLU A 303 -7.29 6.40 6.34
CA GLU A 303 -6.85 5.24 5.57
C GLU A 303 -6.07 4.29 6.46
N TYR A 304 -6.04 3.03 6.07
CA TYR A 304 -5.19 2.04 6.71
C TYR A 304 -4.65 1.11 5.64
N LYS A 305 -3.33 1.12 5.47
CA LYS A 305 -2.63 0.22 4.55
C LYS A 305 -3.19 0.23 3.12
N SER A 306 -3.43 1.43 2.59
CA SER A 306 -3.73 1.57 1.18
C SER A 306 -2.50 1.16 0.38
N TYR A 307 -2.72 0.69 -0.85
CA TYR A 307 -1.61 0.36 -1.74
C TYR A 307 -1.95 0.71 -3.18
N GLY A 308 -0.98 0.58 -4.08
CA GLY A 308 -1.14 1.09 -5.44
C GLY A 308 -0.68 2.54 -5.55
N ALA A 309 -0.55 3.01 -6.79
CA ALA A 309 0.06 4.32 -7.07
C ALA A 309 -0.64 5.52 -6.45
N GLY A 310 -1.95 5.40 -6.18
CA GLY A 310 -2.70 6.46 -5.50
C GLY A 310 -2.61 6.46 -3.98
N ALA A 311 -1.83 5.53 -3.44
CA ALA A 311 -1.75 5.37 -1.98
C ALA A 311 -0.57 6.11 -1.34
N THR A 312 -0.66 7.43 -1.28
CA THR A 312 0.39 8.22 -0.67
C THR A 312 0.10 8.56 0.78
N VAL A 313 1.15 8.60 1.59
CA VAL A 313 1.03 8.87 3.03
C VAL A 313 1.65 10.24 3.33
N SER A 314 0.80 11.17 3.74
CA SER A 314 1.22 12.53 4.07
C SER A 314 0.38 13.05 5.23
N LYS A 315 0.70 14.26 5.70
CA LYS A 315 -0.07 14.91 6.77
C LYS A 315 -1.53 15.16 6.38
N ASP A 316 -1.77 15.30 5.07
CA ASP A 316 -3.12 15.52 4.53
C ASP A 316 -3.92 14.23 4.37
N ARG A 317 -3.26 13.10 4.61
CA ARG A 317 -3.92 11.79 4.54
C ARG A 317 -3.65 10.98 5.79
N ARG A 318 -4.51 11.18 6.79
CA ARG A 318 -4.36 10.56 8.10
C ARG A 318 -4.48 9.04 8.03
N GLN A 319 -3.66 8.38 8.82
CA GLN A 319 -3.57 6.92 8.83
C GLN A 319 -3.99 6.37 10.17
N LEU A 320 -4.66 5.22 10.15
CA LEU A 320 -5.03 4.52 11.37
C LEU A 320 -3.85 3.70 11.90
N THR A 321 -3.78 3.56 13.22
CA THR A 321 -2.87 2.60 13.84
C THR A 321 -3.48 1.20 13.71
N ASP A 322 -2.68 0.16 13.98
CA ASP A 322 -3.18 -1.21 13.99
C ASP A 322 -4.36 -1.37 14.96
N ALA A 323 -4.24 -0.79 16.16
CA ALA A 323 -5.28 -0.81 17.17
C ALA A 323 -6.56 -0.11 16.70
N GLN A 324 -6.41 1.02 16.02
CA GLN A 324 -7.56 1.76 15.49
C GLN A 324 -8.23 1.01 14.34
N ALA A 325 -7.41 0.35 13.52
CA ALA A 325 -7.91 -0.44 12.39
C ALA A 325 -8.81 -1.60 12.85
N ALA A 326 -8.47 -2.18 14.00
CA ALA A 326 -9.25 -3.27 14.59
C ALA A 326 -10.68 -2.87 14.96
N GLU A 327 -10.96 -1.57 15.00
CA GLU A 327 -12.31 -1.09 15.28
C GLU A 327 -13.21 -1.11 14.04
N TYR A 328 -12.65 -1.49 12.90
CA TYR A 328 -13.40 -1.47 11.64
C TYR A 328 -13.64 -2.86 11.04
N THR A 329 -13.68 -3.88 11.90
CA THR A 329 -14.06 -5.23 11.48
C THR A 329 -15.55 -5.26 11.14
N GLN A 330 -15.97 -6.23 10.33
CA GLN A 330 -17.38 -6.39 10.00
C GLN A 330 -18.26 -6.48 11.25
N SER A 331 -17.78 -7.25 12.24
CA SER A 331 -18.48 -7.43 13.50
C SER A 331 -18.78 -6.10 14.20
N LYS A 332 -17.79 -5.22 14.25
CA LYS A 332 -17.95 -3.93 14.91
C LYS A 332 -18.79 -2.94 14.11
N VAL A 333 -18.58 -2.92 12.79
CA VAL A 333 -19.30 -1.99 11.93
C VAL A 333 -20.78 -2.33 11.82
N LEU A 334 -21.09 -3.62 11.66
CA LEU A 334 -22.48 -4.08 11.48
C LEU A 334 -23.19 -4.49 12.77
N GLY A 335 -22.45 -4.57 13.87
CA GLY A 335 -23.02 -4.94 15.17
C GLY A 335 -23.61 -6.33 15.22
N ASP A 336 -24.86 -6.43 15.69
CA ASP A 336 -25.51 -7.73 15.85
C ASP A 336 -26.08 -8.32 14.55
N TRP A 337 -25.80 -7.67 13.42
CA TRP A 337 -26.33 -8.14 12.15
C TRP A 337 -25.30 -8.94 11.34
N THR A 338 -25.62 -10.19 11.05
CA THR A 338 -24.85 -11.00 10.12
C THR A 338 -25.62 -11.07 8.80
N PRO A 339 -25.11 -10.38 7.75
CA PRO A 339 -25.76 -10.43 6.44
C PRO A 339 -25.81 -11.85 5.91
N THR A 340 -27.02 -12.32 5.59
CA THR A 340 -27.22 -13.65 5.02
C THR A 340 -28.17 -13.59 3.84
N LEU A 341 -27.96 -14.49 2.90
CA LEU A 341 -28.83 -14.62 1.73
C LEU A 341 -29.78 -15.80 1.93
N PRO A 342 -30.96 -15.77 1.27
CA PRO A 342 -31.93 -16.85 1.44
C PRO A 342 -31.42 -18.18 0.88
N ALA B 1 20.72 -9.03 34.70
CA ALA B 1 22.15 -8.90 35.09
C ALA B 1 23.05 -8.77 33.85
N THR B 2 23.42 -7.53 33.53
CA THR B 2 24.29 -7.25 32.38
C THR B 2 25.60 -6.60 32.81
N THR B 3 26.72 -7.18 32.35
CA THR B 3 28.05 -6.69 32.69
C THR B 3 28.96 -6.66 31.46
N TYR B 4 29.89 -5.71 31.43
CA TYR B 4 30.79 -5.54 30.28
C TYR B 4 32.21 -5.96 30.59
N ASN B 5 32.83 -6.65 29.64
CA ASN B 5 34.22 -7.06 29.75
C ASN B 5 35.18 -5.88 29.49
N ALA B 6 34.73 -4.94 28.66
CA ALA B 6 35.52 -3.77 28.31
C ALA B 6 34.62 -2.58 28.00
N VAL B 7 35.15 -1.37 28.23
CA VAL B 7 34.42 -0.14 27.92
C VAL B 7 35.30 0.77 27.06
N VAL B 8 34.71 1.32 26.00
CA VAL B 8 35.38 2.27 25.11
C VAL B 8 34.76 3.66 25.30
N SER B 9 35.60 4.68 25.42
CA SER B 9 35.12 6.05 25.54
C SER B 9 36.12 7.06 24.98
N LYS B 10 35.60 8.24 24.64
CA LYS B 10 36.42 9.35 24.15
C LYS B 10 37.07 10.12 25.29
N SER B 11 36.51 9.98 26.49
CA SER B 11 36.92 10.80 27.64
C SER B 11 38.03 10.15 28.47
N SER B 12 39.00 10.97 28.87
CA SER B 12 40.02 10.56 29.83
C SER B 12 39.50 10.74 31.25
N SER B 13 38.48 11.60 31.39
CA SER B 13 37.79 11.81 32.65
C SER B 13 36.77 10.69 32.93
N ASP B 14 36.60 9.80 31.95
CA ASP B 14 35.67 8.68 32.07
C ASP B 14 36.19 7.60 33.03
N GLY B 15 37.47 7.25 32.89
CA GLY B 15 38.13 6.33 33.81
C GLY B 15 38.92 5.22 33.17
N LYS B 16 38.66 3.99 33.62
CA LYS B 16 39.38 2.79 33.16
C LYS B 16 38.83 2.24 31.83
N THR B 17 38.96 3.05 30.78
CA THR B 17 38.37 2.73 29.48
C THR B 17 39.40 2.67 28.36
N PHE B 18 39.08 1.94 27.30
CA PHE B 18 39.88 1.92 26.09
C PHE B 18 39.57 3.15 25.24
N LYS B 19 40.57 3.65 24.52
CA LYS B 19 40.38 4.83 23.67
C LYS B 19 39.90 4.46 22.28
N THR B 20 40.23 3.24 21.82
CA THR B 20 39.76 2.76 20.53
C THR B 20 39.01 1.43 20.67
N ILE B 21 38.07 1.18 19.77
CA ILE B 21 37.30 -0.06 19.74
C ILE B 21 38.22 -1.24 19.39
N ALA B 22 39.15 -1.01 18.47
CA ALA B 22 40.11 -2.05 18.05
C ALA B 22 40.93 -2.56 19.23
N ASP B 23 41.37 -1.65 20.10
CA ASP B 23 42.13 -2.04 21.29
C ASP B 23 41.30 -2.88 22.25
N ALA B 24 40.04 -2.47 22.47
CA ALA B 24 39.13 -3.22 23.32
C ALA B 24 38.85 -4.62 22.78
N ILE B 25 38.62 -4.74 21.48
CA ILE B 25 38.40 -6.05 20.83
C ILE B 25 39.64 -6.94 20.97
N ALA B 26 40.81 -6.39 20.67
CA ALA B 26 42.07 -7.13 20.72
C ALA B 26 42.39 -7.63 22.13
N SER B 27 41.89 -6.90 23.13
CA SER B 27 42.13 -7.26 24.54
C SER B 27 41.38 -8.51 24.99
N ALA B 28 40.43 -8.97 24.18
CA ALA B 28 39.67 -10.18 24.50
C ALA B 28 40.60 -11.39 24.55
N PRO B 29 40.48 -12.21 25.61
CA PRO B 29 41.28 -13.44 25.68
C PRO B 29 40.95 -14.37 24.53
N ALA B 30 41.95 -15.12 24.06
CA ALA B 30 41.75 -16.09 23.00
C ALA B 30 40.71 -17.11 23.44
N GLY B 31 39.83 -17.49 22.53
CA GLY B 31 38.77 -18.44 22.84
C GLY B 31 37.41 -17.98 22.37
N SER B 32 36.36 -18.54 23.00
CA SER B 32 35.00 -18.37 22.53
C SER B 32 33.98 -18.11 23.64
N THR B 33 34.46 -17.79 24.83
CA THR B 33 33.61 -17.28 25.90
C THR B 33 33.07 -15.91 25.49
N PRO B 34 31.84 -15.55 25.92
CA PRO B 34 31.28 -14.26 25.50
C PRO B 34 32.13 -13.08 25.94
N PHE B 35 32.36 -12.14 25.03
CA PHE B 35 33.08 -10.91 25.34
C PHE B 35 32.23 -9.74 24.89
N VAL B 36 31.89 -8.87 25.85
CA VAL B 36 30.94 -7.78 25.61
C VAL B 36 31.60 -6.43 25.85
N ILE B 37 31.52 -5.57 24.84
CA ILE B 37 32.17 -4.26 24.88
C ILE B 37 31.13 -3.15 24.81
N LEU B 38 31.14 -2.27 25.81
CA LEU B 38 30.32 -1.08 25.78
C LEU B 38 31.08 0.04 25.08
N ILE B 39 30.42 0.70 24.14
CA ILE B 39 31.00 1.80 23.39
C ILE B 39 30.22 3.08 23.68
N LYS B 40 30.86 3.98 24.43
CA LYS B 40 30.24 5.25 24.78
C LYS B 40 30.10 6.15 23.55
N ASN B 41 29.16 7.08 23.61
CA ASN B 41 28.90 8.01 22.50
C ASN B 41 30.16 8.68 21.96
N GLY B 42 30.22 8.77 20.64
CA GLY B 42 31.35 9.37 19.96
C GLY B 42 31.47 8.81 18.57
N VAL B 43 32.26 9.48 17.73
CA VAL B 43 32.55 8.99 16.39
C VAL B 43 33.95 8.37 16.39
N TYR B 44 33.99 7.07 16.15
CA TYR B 44 35.24 6.32 16.18
C TYR B 44 35.68 6.02 14.75
N ASN B 45 36.75 6.70 14.33
CA ASN B 45 37.28 6.58 12.98
C ASN B 45 38.19 5.37 12.89
N GLU B 46 37.56 4.21 12.71
CA GLU B 46 38.24 2.93 12.76
C GLU B 46 37.71 1.99 11.72
N ARG B 47 38.58 1.09 11.27
CA ARG B 47 38.17 -0.05 10.46
C ARG B 47 38.45 -1.32 11.25
N LEU B 48 37.46 -2.20 11.31
CA LEU B 48 37.54 -3.36 12.19
C LEU B 48 37.32 -4.66 11.43
N THR B 49 38.12 -5.67 11.78
CA THR B 49 37.90 -7.02 11.30
C THR B 49 37.75 -7.94 12.51
N ILE B 50 36.58 -8.57 12.60
CA ILE B 50 36.23 -9.43 13.74
C ILE B 50 36.50 -10.89 13.40
N THR B 51 37.45 -11.49 14.11
CA THR B 51 37.80 -12.89 13.86
C THR B 51 37.54 -13.76 15.10
N ARG B 52 37.19 -13.12 16.21
CA ARG B 52 36.91 -13.85 17.44
C ARG B 52 35.43 -14.14 17.58
N ASN B 53 35.13 -15.42 17.84
CA ASN B 53 33.76 -15.88 18.06
C ASN B 53 33.17 -15.32 19.33
N ASN B 54 31.85 -15.12 19.33
CA ASN B 54 31.12 -14.73 20.54
C ASN B 54 31.49 -13.34 21.06
N LEU B 55 31.75 -12.42 20.13
CA LEU B 55 32.07 -11.05 20.47
C LEU B 55 30.82 -10.18 20.28
N HIS B 56 30.61 -9.25 21.21
CA HIS B 56 29.40 -8.45 21.22
C HIS B 56 29.68 -6.99 21.52
N LEU B 57 29.22 -6.11 20.61
CA LEU B 57 29.39 -4.67 20.78
C LEU B 57 28.06 -4.03 21.16
N LYS B 58 28.10 -3.15 22.15
CA LYS B 58 26.92 -2.41 22.55
C LYS B 58 27.23 -0.91 22.61
N GLY B 59 26.59 -0.15 21.73
CA GLY B 59 26.76 1.31 21.73
C GLY B 59 25.87 1.96 22.76
N GLU B 60 26.28 3.13 23.24
CA GLU B 60 25.48 3.88 24.21
C GLU B 60 24.14 4.29 23.59
N SER B 61 24.16 4.63 22.31
CA SER B 61 22.95 4.95 21.56
C SER B 61 23.22 4.81 20.07
N ARG B 62 22.19 4.45 19.31
CA ARG B 62 22.32 4.37 17.86
C ARG B 62 22.67 5.74 17.27
N ASN B 63 22.03 6.77 17.79
CA ASN B 63 22.25 8.15 17.34
C ASN B 63 23.68 8.63 17.55
N GLY B 64 24.28 8.26 18.69
CA GLY B 64 25.52 8.88 19.15
C GLY B 64 26.77 8.02 19.13
N ALA B 65 26.62 6.70 19.03
CA ALA B 65 27.78 5.80 19.00
C ALA B 65 28.00 5.34 17.57
N VAL B 66 29.06 5.87 16.96
CA VAL B 66 29.28 5.72 15.52
C VAL B 66 30.67 5.13 15.23
N ILE B 67 30.70 4.10 14.39
CA ILE B 67 31.96 3.58 13.86
C ILE B 67 31.99 3.92 12.38
N ALA B 68 33.01 4.68 11.97
CA ALA B 68 33.03 5.23 10.61
C ALA B 68 34.42 5.27 9.99
N ALA B 69 34.49 4.99 8.70
CA ALA B 69 35.70 5.20 7.91
C ALA B 69 35.30 5.39 6.46
N ALA B 70 36.15 6.06 5.69
CA ALA B 70 35.87 6.32 4.29
C ALA B 70 36.81 5.51 3.40
N THR B 71 36.25 4.53 2.69
CA THR B 71 37.03 3.70 1.79
C THR B 71 36.15 3.22 0.63
N ALA B 72 36.56 3.55 -0.60
CA ALA B 72 35.88 3.01 -1.77
C ALA B 72 36.66 1.83 -2.34
N ALA B 73 35.99 1.03 -3.17
CA ALA B 73 36.64 -0.09 -3.85
C ALA B 73 37.83 0.40 -4.68
N GLY B 74 37.69 1.59 -5.26
CA GLY B 74 38.74 2.19 -6.08
C GLY B 74 39.76 3.04 -5.33
N THR B 75 39.61 3.12 -4.01
CA THR B 75 40.61 3.77 -3.16
C THR B 75 41.88 2.92 -3.23
N LEU B 76 43.03 3.57 -3.35
CA LEU B 76 44.30 2.87 -3.50
C LEU B 76 45.03 2.66 -2.18
N LYS B 77 45.63 1.48 -2.04
CA LYS B 77 46.49 1.16 -0.92
C LYS B 77 47.89 1.74 -1.16
N SER B 78 48.80 1.49 -0.20
CA SER B 78 50.18 1.92 -0.31
C SER B 78 50.92 1.32 -1.51
N ASP B 79 50.62 0.06 -1.81
CA ASP B 79 51.26 -0.64 -2.93
C ASP B 79 50.66 -0.31 -4.30
N GLY B 80 49.70 0.63 -4.32
CA GLY B 80 49.08 1.11 -5.55
C GLY B 80 47.89 0.28 -6.02
N SER B 81 47.57 -0.78 -5.28
CA SER B 81 46.45 -1.64 -5.62
C SER B 81 45.15 -1.14 -4.98
N LYS B 82 44.03 -1.42 -5.63
CA LYS B 82 42.71 -1.03 -5.13
C LYS B 82 42.28 -1.91 -3.96
N TRP B 83 41.55 -1.32 -3.02
CA TRP B 83 40.98 -2.08 -1.90
C TRP B 83 40.00 -3.14 -2.38
N GLY B 84 39.19 -2.80 -3.39
CA GLY B 84 38.13 -3.67 -3.88
C GLY B 84 36.88 -3.56 -3.01
N THR B 85 35.79 -4.18 -3.46
CA THR B 85 34.52 -4.09 -2.75
C THR B 85 34.58 -4.70 -1.34
N ALA B 86 34.96 -5.97 -1.26
CA ALA B 86 35.11 -6.63 0.04
C ALA B 86 36.10 -5.85 0.91
N GLY B 87 37.22 -5.45 0.30
CA GLY B 87 38.27 -4.73 1.01
C GLY B 87 37.93 -3.33 1.49
N SER B 88 36.82 -2.77 1.00
CA SER B 88 36.42 -1.40 1.33
C SER B 88 35.66 -1.29 2.66
N SER B 89 35.29 -2.42 3.24
CA SER B 89 34.35 -2.43 4.36
C SER B 89 34.89 -1.75 5.62
N THR B 90 34.03 -0.98 6.28
CA THR B 90 34.37 -0.37 7.55
C THR B 90 34.47 -1.44 8.64
N ILE B 91 33.46 -2.31 8.69
CA ILE B 91 33.49 -3.45 9.61
C ILE B 91 33.33 -4.75 8.82
N THR B 92 34.23 -5.70 9.09
CA THR B 92 34.18 -7.02 8.48
C THR B 92 33.97 -8.05 9.59
N ILE B 93 32.91 -8.84 9.48
CA ILE B 93 32.61 -9.91 10.44
C ILE B 93 33.00 -11.27 9.86
N SER B 94 34.07 -11.85 10.40
CA SER B 94 34.58 -13.14 9.95
C SER B 94 34.63 -14.10 11.13
N ALA B 95 33.58 -14.08 11.93
CA ALA B 95 33.47 -14.92 13.12
C ALA B 95 32.01 -15.29 13.34
N LYS B 96 31.80 -16.23 14.26
CA LYS B 96 30.46 -16.70 14.59
C LYS B 96 29.94 -16.01 15.84
N ASP B 97 28.60 -15.94 15.93
CA ASP B 97 27.91 -15.43 17.12
C ASP B 97 28.32 -14.01 17.49
N PHE B 98 28.50 -13.17 16.47
CA PHE B 98 28.71 -11.75 16.69
C PHE B 98 27.38 -11.05 16.89
N SER B 99 27.37 -10.04 17.77
CA SER B 99 26.24 -9.11 17.80
C SER B 99 26.69 -7.68 17.97
N ALA B 100 25.93 -6.77 17.35
CA ALA B 100 26.09 -5.34 17.58
C ALA B 100 24.72 -4.77 17.92
N GLN B 101 24.68 -3.88 18.90
CA GLN B 101 23.43 -3.26 19.35
C GLN B 101 23.60 -1.76 19.56
N SER B 102 22.60 -0.98 19.15
CA SER B 102 22.51 0.45 19.48
C SER B 102 23.76 1.23 19.05
N LEU B 103 24.10 1.10 17.76
CA LEU B 103 25.23 1.83 17.20
C LEU B 103 25.07 2.02 15.70
N THR B 104 25.84 2.94 15.15
CA THR B 104 25.84 3.23 13.73
C THR B 104 27.17 2.80 13.12
N ILE B 105 27.10 2.17 11.95
CA ILE B 105 28.30 1.82 11.19
C ILE B 105 28.21 2.51 9.83
N ARG B 106 29.22 3.31 9.49
CA ARG B 106 29.19 4.08 8.25
C ARG B 106 30.40 3.81 7.38
N ASN B 107 30.19 3.80 6.06
CA ASN B 107 31.28 4.11 5.15
C ASN B 107 31.07 5.55 4.69
N ASP B 108 32.07 6.38 4.99
CA ASP B 108 31.96 7.82 4.76
C ASP B 108 32.49 8.26 3.40
N PHE B 109 32.72 7.30 2.50
CA PHE B 109 33.08 7.65 1.12
C PHE B 109 32.02 8.60 0.57
N ASP B 110 32.47 9.79 0.19
CA ASP B 110 31.56 10.84 -0.25
C ASP B 110 31.23 10.62 -1.72
N PHE B 111 30.30 9.69 -1.95
CA PHE B 111 29.87 9.36 -3.31
C PHE B 111 29.41 10.60 -4.11
N PRO B 112 28.49 11.43 -3.55
CA PRO B 112 28.07 12.61 -4.32
C PRO B 112 29.21 13.57 -4.69
N ALA B 113 30.14 13.80 -3.78
CA ALA B 113 31.30 14.67 -4.08
C ALA B 113 32.16 14.06 -5.18
N ASN B 114 32.33 12.73 -5.12
CA ASN B 114 33.08 12.02 -6.15
C ASN B 114 32.48 12.20 -7.53
N GLN B 115 31.15 12.02 -7.61
CA GLN B 115 30.44 12.12 -8.90
C GLN B 115 30.46 13.53 -9.46
N ALA B 116 30.51 14.51 -8.57
CA ALA B 116 30.55 15.92 -8.95
C ALA B 116 31.92 16.35 -9.48
N LYS B 117 32.94 15.52 -9.25
CA LYS B 117 34.27 15.83 -9.78
C LYS B 117 34.26 15.83 -11.31
N SER B 118 35.11 16.65 -11.91
CA SER B 118 35.28 16.67 -13.35
C SER B 118 35.82 15.32 -13.83
N ASP B 119 35.38 14.88 -15.02
CA ASP B 119 35.77 13.59 -15.56
C ASP B 119 37.29 13.41 -15.71
N SER B 120 38.01 14.51 -15.92
CA SER B 120 39.46 14.46 -16.10
C SER B 120 40.22 14.46 -14.77
N ASP B 121 39.51 14.65 -13.67
CA ASP B 121 40.10 14.66 -12.33
C ASP B 121 40.60 13.26 -11.99
N SER B 122 41.92 13.12 -11.83
CA SER B 122 42.54 11.81 -11.59
C SER B 122 42.11 11.19 -10.25
N SER B 123 41.61 12.02 -9.35
CA SER B 123 41.13 11.57 -8.03
C SER B 123 39.67 11.09 -8.07
N LYS B 124 39.01 11.24 -9.20
CA LYS B 124 37.65 10.74 -9.38
C LYS B 124 37.66 9.21 -9.51
N ILE B 125 36.99 8.54 -8.57
CA ILE B 125 36.96 7.08 -8.50
C ILE B 125 35.82 6.51 -9.36
N LYS B 126 36.12 5.48 -10.14
CA LYS B 126 35.10 4.76 -10.93
C LYS B 126 34.48 3.61 -10.13
N ASP B 127 35.31 2.92 -9.34
CA ASP B 127 34.85 1.80 -8.53
C ASP B 127 34.30 2.35 -7.22
N THR B 128 33.02 2.73 -7.27
CA THR B 128 32.39 3.56 -6.24
C THR B 128 31.70 2.78 -5.11
N GLN B 129 31.77 1.45 -5.14
CA GLN B 129 31.25 0.68 -4.01
C GLN B 129 32.04 1.03 -2.76
N ALA B 130 31.33 1.18 -1.65
CA ALA B 130 31.97 1.54 -0.39
C ALA B 130 31.17 0.92 0.74
N VAL B 131 31.60 -0.27 1.15
CA VAL B 131 30.83 -1.09 2.09
C VAL B 131 30.95 -0.61 3.53
N ALA B 132 29.81 -0.53 4.22
CA ALA B 132 29.79 -0.20 5.64
C ALA B 132 30.04 -1.44 6.50
N LEU B 133 29.29 -2.50 6.20
CA LEU B 133 29.31 -3.74 6.96
C LEU B 133 29.38 -4.93 6.00
N TYR B 134 30.30 -5.86 6.29
CA TYR B 134 30.51 -7.04 5.47
C TYR B 134 30.51 -8.26 6.37
N VAL B 135 29.55 -9.15 6.17
CA VAL B 135 29.55 -10.43 6.87
C VAL B 135 30.09 -11.45 5.88
N THR B 136 31.24 -12.05 6.20
CA THR B 136 31.95 -12.90 5.23
C THR B 136 31.46 -14.34 5.19
N LYS B 137 32.06 -15.14 4.32
CA LYS B 137 31.76 -16.57 4.21
C LYS B 137 31.96 -17.31 5.54
N SER B 138 32.81 -16.75 6.41
CA SER B 138 33.12 -17.31 7.72
C SER B 138 32.14 -16.89 8.80
N GLY B 139 31.38 -15.84 8.50
CA GLY B 139 30.38 -15.34 9.42
C GLY B 139 29.13 -16.19 9.39
N ASP B 140 28.63 -16.51 10.57
CA ASP B 140 27.34 -17.16 10.74
C ASP B 140 26.80 -16.73 12.09
N ARG B 141 25.48 -16.57 12.16
CA ARG B 141 24.78 -16.20 13.38
C ARG B 141 25.22 -14.80 13.85
N ALA B 142 25.16 -13.83 12.94
CA ALA B 142 25.48 -12.43 13.23
C ALA B 142 24.20 -11.64 13.44
N TYR B 143 24.09 -10.96 14.57
CA TYR B 143 22.86 -10.31 15.01
C TYR B 143 23.07 -8.79 15.18
N PHE B 144 22.22 -8.01 14.51
CA PHE B 144 22.31 -6.56 14.56
C PHE B 144 20.97 -5.99 15.00
N LYS B 145 20.94 -5.43 16.20
CA LYS B 145 19.71 -4.88 16.76
C LYS B 145 19.85 -3.39 17.02
N ASP B 146 18.89 -2.61 16.54
CA ASP B 146 18.90 -1.15 16.73
C ASP B 146 20.22 -0.59 16.18
N VAL B 147 20.57 -1.02 14.97
CA VAL B 147 21.80 -0.62 14.31
C VAL B 147 21.44 0.16 13.06
N SER B 148 22.24 1.17 12.77
CA SER B 148 22.10 1.95 11.55
C SER B 148 23.32 1.72 10.67
N LEU B 149 23.07 1.39 9.41
CA LEU B 149 24.14 1.19 8.42
C LEU B 149 24.05 2.26 7.35
N VAL B 150 25.16 2.97 7.14
CA VAL B 150 25.19 4.13 6.24
C VAL B 150 26.17 3.95 5.08
N GLY B 151 25.67 4.20 3.87
CA GLY B 151 26.52 4.26 2.68
C GLY B 151 25.72 4.71 1.48
N TYR B 152 26.34 4.61 0.32
CA TYR B 152 25.62 4.85 -0.93
C TYR B 152 25.60 3.54 -1.72
N GLN B 153 26.62 3.32 -2.54
CA GLN B 153 26.68 2.06 -3.28
C GLN B 153 27.24 0.95 -2.40
N ALA B 154 26.52 -0.18 -2.34
CA ALA B 154 27.00 -1.42 -1.69
C ALA B 154 27.19 -1.31 -0.17
N THR B 155 26.24 -0.64 0.49
CA THR B 155 26.31 -0.42 1.94
C THR B 155 26.51 -1.70 2.76
N LEU B 156 25.71 -2.71 2.48
CA LEU B 156 25.70 -3.93 3.28
C LEU B 156 25.96 -5.16 2.42
N TYR B 157 27.07 -5.83 2.72
CA TYR B 157 27.52 -7.01 1.99
C TYR B 157 27.28 -8.19 2.90
N VAL B 158 26.26 -9.00 2.60
CA VAL B 158 25.92 -10.17 3.41
C VAL B 158 26.26 -11.46 2.66
N SER B 159 27.32 -12.12 3.12
CA SER B 159 27.76 -13.37 2.54
C SER B 159 27.72 -14.45 3.61
N GLY B 160 28.11 -15.66 3.25
CA GLY B 160 28.23 -16.74 4.22
C GLY B 160 26.90 -17.24 4.77
N GLY B 161 26.81 -17.27 6.09
CA GLY B 161 25.70 -17.91 6.78
C GLY B 161 24.53 -16.98 7.05
N ARG B 162 24.03 -17.05 8.28
CA ARG B 162 22.82 -16.34 8.66
C ARG B 162 23.11 -15.07 9.43
N SER B 163 22.44 -14.00 9.03
CA SER B 163 22.48 -12.74 9.76
C SER B 163 21.05 -12.27 9.98
N PHE B 164 20.83 -11.55 11.07
CA PHE B 164 19.51 -11.07 11.42
C PHE B 164 19.63 -9.61 11.80
N PHE B 165 18.80 -8.78 11.16
CA PHE B 165 18.78 -7.34 11.39
C PHE B 165 17.42 -6.96 11.91
N SER B 166 17.38 -6.31 13.07
CA SER B 166 16.13 -6.01 13.76
C SER B 166 16.12 -4.54 14.22
N ASP B 167 15.02 -3.84 13.98
CA ASP B 167 14.86 -2.43 14.40
C ASP B 167 15.99 -1.55 13.84
N CYS B 168 16.23 -1.70 12.55
CA CYS B 168 17.43 -1.20 11.89
C CYS B 168 17.13 -0.04 10.97
N ARG B 169 18.18 0.69 10.61
CA ARG B 169 18.13 1.61 9.50
C ARG B 169 19.27 1.22 8.55
N ILE B 170 18.95 1.12 7.27
CA ILE B 170 19.98 0.87 6.27
C ILE B 170 19.75 1.82 5.12
N SER B 171 20.77 2.60 4.76
CA SER B 171 20.63 3.58 3.68
C SER B 171 21.60 3.31 2.54
N GLY B 172 21.23 3.76 1.36
CA GLY B 172 22.08 3.56 0.19
C GLY B 172 21.41 3.87 -1.12
N THR B 173 22.13 3.55 -2.19
CA THR B 173 21.69 3.85 -3.55
C THR B 173 21.65 2.56 -4.39
N VAL B 174 22.81 2.19 -4.92
CA VAL B 174 22.93 1.07 -5.84
C VAL B 174 23.33 -0.20 -5.09
N ASP B 175 22.48 -1.22 -5.19
CA ASP B 175 22.77 -2.56 -4.65
C ASP B 175 23.18 -2.48 -3.17
N PHE B 176 22.42 -1.75 -2.36
CA PHE B 176 22.90 -1.45 -1.01
C PHE B 176 22.70 -2.56 0.03
N ILE B 177 21.97 -3.60 -0.34
CA ILE B 177 21.99 -4.88 0.38
C ILE B 177 22.28 -5.94 -0.67
N PHE B 178 23.45 -6.57 -0.58
CA PHE B 178 23.87 -7.49 -1.63
C PHE B 178 24.65 -8.68 -1.08
N GLY B 179 24.67 -9.76 -1.85
CA GLY B 179 25.44 -10.94 -1.49
C GLY B 179 24.63 -12.21 -1.43
N ASP B 180 25.31 -13.28 -0.99
CA ASP B 180 24.76 -14.64 -1.08
C ASP B 180 24.36 -15.22 0.26
N GLY B 181 24.44 -14.41 1.32
CA GLY B 181 24.08 -14.87 2.66
C GLY B 181 22.59 -15.05 2.85
N THR B 182 22.22 -15.67 3.98
CA THR B 182 20.84 -15.72 4.43
C THR B 182 20.71 -14.54 5.38
N ALA B 183 19.99 -13.50 4.97
CA ALA B 183 19.88 -12.29 5.76
C ALA B 183 18.42 -11.94 5.94
N LEU B 184 17.97 -11.94 7.19
CA LEU B 184 16.59 -11.64 7.53
C LEU B 184 16.53 -10.26 8.15
N PHE B 185 15.61 -9.43 7.67
CA PHE B 185 15.47 -8.06 8.16
C PHE B 185 14.06 -7.90 8.70
N ASN B 186 13.95 -7.49 9.95
CA ASN B 186 12.64 -7.28 10.54
C ASN B 186 12.52 -5.91 11.19
N ASN B 187 11.44 -5.21 10.86
CA ASN B 187 11.18 -3.87 11.40
C ASN B 187 12.36 -2.90 11.17
N CYS B 188 12.91 -2.92 9.96
CA CYS B 188 13.91 -1.91 9.61
C CYS B 188 13.39 -0.90 8.59
N ASP B 189 14.05 0.25 8.56
CA ASP B 189 13.80 1.26 7.55
C ASP B 189 14.88 1.13 6.51
N LEU B 190 14.48 0.83 5.28
CA LEU B 190 15.41 0.78 4.15
C LEU B 190 15.27 2.08 3.37
N VAL B 191 16.34 2.88 3.41
CA VAL B 191 16.28 4.27 2.97
C VAL B 191 17.00 4.47 1.64
N SER B 192 16.22 4.74 0.59
CA SER B 192 16.75 5.01 -0.74
C SER B 192 17.18 6.47 -0.83
N ARG B 193 18.44 6.69 -1.19
CA ARG B 193 19.04 8.03 -1.15
C ARG B 193 18.96 8.79 -2.47
N TYR B 194 18.97 10.12 -2.34
CA TYR B 194 18.90 11.01 -3.51
C TYR B 194 20.20 10.96 -4.30
N ARG B 195 20.08 10.87 -5.63
CA ARG B 195 21.21 10.87 -6.56
C ARG B 195 21.22 12.16 -7.37
N ALA B 196 22.10 13.09 -7.01
CA ALA B 196 22.24 14.34 -7.75
C ALA B 196 22.78 14.13 -9.16
N ASP B 197 23.43 12.98 -9.37
CA ASP B 197 24.13 12.69 -10.62
C ASP B 197 23.32 11.89 -11.65
N VAL B 198 22.07 11.60 -11.32
CA VAL B 198 21.20 10.81 -12.20
C VAL B 198 20.18 11.70 -12.89
N LYS B 199 20.13 11.60 -14.22
CA LYS B 199 19.20 12.37 -15.04
C LYS B 199 17.76 11.99 -14.75
N SER B 200 16.86 12.97 -14.90
CA SER B 200 15.44 12.71 -14.79
C SER B 200 15.05 11.62 -15.80
N GLY B 201 14.35 10.60 -15.31
CA GLY B 201 13.94 9.47 -16.17
C GLY B 201 14.84 8.25 -16.10
N ASN B 202 16.00 8.38 -15.47
CA ASN B 202 16.90 7.26 -15.27
C ASN B 202 16.79 6.69 -13.85
N VAL B 203 17.32 5.48 -13.65
CA VAL B 203 17.22 4.78 -12.37
C VAL B 203 18.27 5.31 -11.38
N SER B 204 17.85 5.55 -10.14
CA SER B 204 18.75 6.00 -9.09
C SER B 204 19.42 4.84 -8.33
N GLY B 205 18.74 3.73 -8.19
CA GLY B 205 19.32 2.63 -7.44
C GLY B 205 18.46 1.39 -7.33
N TYR B 206 18.95 0.44 -6.54
CA TYR B 206 18.33 -0.87 -6.33
C TYR B 206 18.58 -1.26 -4.88
N LEU B 207 17.51 -1.59 -4.16
CA LEU B 207 17.65 -1.95 -2.74
C LEU B 207 18.52 -3.18 -2.53
N THR B 208 18.31 -4.19 -3.37
CA THR B 208 19.00 -5.47 -3.17
C THR B 208 19.66 -5.96 -4.45
N ALA B 209 20.76 -6.69 -4.27
CA ALA B 209 21.39 -7.41 -5.38
C ALA B 209 21.83 -8.77 -4.85
N PRO B 210 20.88 -9.70 -4.69
CA PRO B 210 21.21 -11.01 -4.12
C PRO B 210 21.97 -11.87 -5.12
N SER B 211 22.91 -12.65 -4.58
CA SER B 211 23.69 -13.62 -5.37
C SER B 211 23.50 -15.03 -4.81
N THR B 212 22.37 -15.24 -4.15
CA THR B 212 22.02 -16.48 -3.47
C THR B 212 22.19 -17.67 -4.41
N ASN B 213 22.98 -18.66 -4.00
CA ASN B 213 23.09 -19.89 -4.80
C ASN B 213 21.73 -20.56 -4.92
N ILE B 214 21.45 -21.12 -6.09
CA ILE B 214 20.15 -21.75 -6.38
C ILE B 214 19.77 -22.86 -5.38
N ASN B 215 20.76 -23.54 -4.82
CA ASN B 215 20.52 -24.64 -3.87
C ASN B 215 20.33 -24.18 -2.42
N GLN B 216 20.57 -22.90 -2.17
CA GLN B 216 20.36 -22.31 -0.85
C GLN B 216 18.91 -21.83 -0.75
N LYS B 217 18.21 -22.27 0.30
CA LYS B 217 16.77 -22.04 0.42
C LYS B 217 16.40 -20.56 0.61
N TYR B 218 17.16 -19.85 1.43
CA TYR B 218 16.85 -18.45 1.74
C TYR B 218 17.99 -17.50 1.44
N GLY B 219 17.64 -16.36 0.83
CA GLY B 219 18.60 -15.29 0.56
C GLY B 219 18.26 -14.10 1.41
N LEU B 220 17.82 -13.02 0.76
CA LEU B 220 17.44 -11.79 1.45
C LEU B 220 15.95 -11.79 1.72
N VAL B 221 15.59 -11.77 2.99
CA VAL B 221 14.18 -11.81 3.40
C VAL B 221 13.89 -10.59 4.26
N ILE B 222 12.97 -9.75 3.78
CA ILE B 222 12.64 -8.49 4.43
C ILE B 222 11.20 -8.53 4.92
N THR B 223 11.03 -8.39 6.25
CA THR B 223 9.70 -8.54 6.86
C THR B 223 9.31 -7.36 7.73
N ASN B 224 8.04 -6.99 7.70
CA ASN B 224 7.48 -5.96 8.60
C ASN B 224 8.32 -4.69 8.61
N SER B 225 8.76 -4.27 7.43
CA SER B 225 9.71 -3.18 7.31
C SER B 225 9.12 -2.01 6.52
N ARG B 226 9.93 -0.97 6.33
CA ARG B 226 9.52 0.21 5.61
C ARG B 226 10.56 0.57 4.56
N VAL B 227 10.11 0.62 3.31
CA VAL B 227 10.96 0.99 2.18
C VAL B 227 10.64 2.45 1.87
N ILE B 228 11.58 3.33 2.21
CA ILE B 228 11.30 4.76 2.24
C ILE B 228 12.30 5.59 1.45
N ARG B 229 11.84 6.73 0.94
CA ARG B 229 12.72 7.69 0.28
C ARG B 229 13.41 8.58 1.32
N GLU B 230 14.66 8.92 1.03
CA GLU B 230 15.45 9.78 1.89
C GLU B 230 14.87 11.19 1.98
N SER B 231 14.30 11.65 0.86
CA SER B 231 13.76 13.00 0.73
C SER B 231 12.72 13.05 -0.38
N ASP B 232 11.94 14.12 -0.42
CA ASP B 232 10.97 14.32 -1.50
C ASP B 232 11.60 14.54 -2.87
N SER B 233 12.92 14.75 -2.91
CA SER B 233 13.65 14.91 -4.16
C SER B 233 13.96 13.57 -4.84
N VAL B 234 13.87 12.47 -4.11
CA VAL B 234 13.97 11.14 -4.70
C VAL B 234 12.72 10.91 -5.54
N PRO B 235 12.88 10.83 -6.87
CA PRO B 235 11.71 10.78 -7.77
C PRO B 235 10.87 9.52 -7.63
N ALA B 236 9.60 9.61 -8.02
CA ALA B 236 8.76 8.44 -8.18
C ALA B 236 9.40 7.51 -9.21
N LYS B 237 9.26 6.20 -8.98
CA LYS B 237 9.73 5.16 -9.91
C LYS B 237 11.21 5.29 -10.24
N SER B 238 12.02 5.54 -9.22
CA SER B 238 13.48 5.71 -9.37
C SER B 238 14.30 4.56 -8.80
N TYR B 239 13.66 3.68 -8.02
CA TYR B 239 14.36 2.60 -7.34
C TYR B 239 13.78 1.22 -7.61
N GLY B 240 14.67 0.26 -7.87
CA GLY B 240 14.27 -1.13 -8.01
C GLY B 240 14.31 -1.86 -6.68
N LEU B 241 13.42 -2.81 -6.48
CA LEU B 241 13.44 -3.65 -5.27
C LEU B 241 14.66 -4.55 -5.25
N GLY B 242 15.11 -4.92 -6.45
CA GLY B 242 16.26 -5.81 -6.57
C GLY B 242 16.62 -6.08 -8.01
N ARG B 243 17.87 -6.48 -8.21
CA ARG B 243 18.33 -6.98 -9.50
C ARG B 243 19.27 -8.16 -9.23
N PRO B 244 19.37 -9.11 -10.17
CA PRO B 244 20.09 -10.36 -9.87
C PRO B 244 21.60 -10.27 -10.05
N TRP B 245 22.33 -10.31 -8.94
CA TRP B 245 23.79 -10.29 -9.00
C TRP B 245 24.37 -11.70 -9.19
N HIS B 246 25.01 -11.90 -10.33
CA HIS B 246 25.74 -13.13 -10.62
C HIS B 246 27.23 -12.80 -10.57
N PRO B 247 27.86 -13.00 -9.40
CA PRO B 247 29.22 -12.47 -9.20
C PRO B 247 30.24 -13.10 -10.13
N THR B 248 31.18 -12.29 -10.59
CA THR B 248 32.34 -12.82 -11.30
C THR B 248 33.03 -13.83 -10.39
N THR B 249 33.19 -15.04 -10.90
CA THR B 249 33.64 -16.18 -10.10
C THR B 249 34.63 -17.00 -10.92
N THR B 250 35.65 -17.52 -10.25
CA THR B 250 36.64 -18.37 -10.92
C THR B 250 36.18 -19.82 -10.99
N PHE B 251 36.04 -20.31 -12.21
CA PHE B 251 35.68 -21.69 -12.47
C PHE B 251 36.80 -22.39 -13.22
N SER B 252 36.69 -23.71 -13.36
CA SER B 252 37.70 -24.48 -14.09
C SER B 252 37.82 -24.02 -15.55
N ASP B 253 36.73 -23.50 -16.12
CA ASP B 253 36.75 -23.02 -17.50
C ASP B 253 36.81 -21.49 -17.64
N GLY B 254 37.30 -20.80 -16.61
CA GLY B 254 37.51 -19.37 -16.68
C GLY B 254 36.79 -18.57 -15.61
N ARG B 255 36.93 -17.26 -15.67
CA ARG B 255 36.39 -16.35 -14.66
C ARG B 255 35.26 -15.52 -15.29
N TYR B 256 34.04 -15.71 -14.77
CA TYR B 256 32.85 -15.10 -15.37
C TYR B 256 31.66 -15.13 -14.40
N ALA B 257 30.56 -14.48 -14.79
CA ALA B 257 29.37 -14.39 -13.96
C ALA B 257 28.80 -15.76 -13.60
N ASP B 258 28.66 -16.02 -12.30
CA ASP B 258 28.20 -17.31 -11.79
C ASP B 258 26.76 -17.63 -12.26
N PRO B 259 26.60 -18.67 -13.11
CA PRO B 259 25.25 -19.01 -13.62
C PRO B 259 24.27 -19.44 -12.53
N ASN B 260 24.79 -20.02 -11.46
CA ASN B 260 23.98 -20.63 -10.39
C ASN B 260 23.67 -19.68 -9.23
N ALA B 261 24.20 -18.46 -9.31
CA ALA B 261 23.88 -17.42 -8.35
C ALA B 261 22.56 -16.79 -8.76
N ILE B 262 21.47 -17.48 -8.47
CA ILE B 262 20.13 -17.04 -8.84
C ILE B 262 19.47 -16.49 -7.58
N GLY B 263 19.64 -15.19 -7.39
CA GLY B 263 19.37 -14.54 -6.10
C GLY B 263 17.93 -14.55 -5.67
N GLN B 264 17.73 -14.54 -4.35
CA GLN B 264 16.41 -14.44 -3.76
C GLN B 264 16.29 -13.15 -2.96
N THR B 265 15.24 -12.40 -3.24
CA THR B 265 14.79 -11.31 -2.36
C THR B 265 13.30 -11.46 -2.20
N VAL B 266 12.84 -11.55 -0.96
CA VAL B 266 11.42 -11.66 -0.65
C VAL B 266 11.03 -10.58 0.35
N PHE B 267 10.01 -9.81 0.00
CA PHE B 267 9.43 -8.80 0.88
C PHE B 267 8.10 -9.30 1.42
N LEU B 268 7.93 -9.26 2.73
CA LEU B 268 6.65 -9.62 3.35
C LEU B 268 6.17 -8.52 4.28
N ASN B 269 4.89 -8.16 4.14
CA ASN B 269 4.25 -7.15 5.00
C ASN B 269 5.08 -5.87 5.16
N THR B 270 5.58 -5.37 4.03
CA THR B 270 6.50 -4.24 4.02
C THR B 270 5.90 -3.05 3.27
N SER B 271 6.02 -1.86 3.84
CA SER B 271 5.52 -0.65 3.20
C SER B 271 6.54 -0.14 2.17
N MET B 272 6.03 0.45 1.10
CA MET B 272 6.88 0.92 0.01
C MET B 272 6.32 2.23 -0.49
N ASP B 273 7.16 3.28 -0.51
CA ASP B 273 6.76 4.54 -1.13
C ASP B 273 6.88 4.45 -2.65
N ASN B 274 6.38 5.46 -3.35
CA ASN B 274 6.30 5.38 -4.81
C ASN B 274 7.61 5.60 -5.56
N HIS B 275 8.74 5.69 -4.84
CA HIS B 275 10.03 5.67 -5.52
C HIS B 275 10.33 4.29 -6.12
N ILE B 276 9.64 3.27 -5.61
CA ILE B 276 9.77 1.89 -6.09
C ILE B 276 9.00 1.71 -7.39
N TYR B 277 9.67 1.18 -8.43
CA TYR B 277 8.99 0.84 -9.70
C TYR B 277 8.76 -0.66 -9.90
N GLY B 278 9.46 -1.49 -9.13
CA GLY B 278 9.41 -2.94 -9.27
C GLY B 278 10.82 -3.54 -9.29
N TRP B 279 10.98 -4.65 -9.98
CA TRP B 279 12.27 -5.35 -10.05
C TRP B 279 13.03 -4.93 -11.32
N ASP B 280 14.31 -5.30 -11.41
CA ASP B 280 15.10 -4.97 -12.59
C ASP B 280 16.08 -6.10 -12.96
N LYS B 281 16.67 -5.97 -14.14
CA LYS B 281 17.70 -6.89 -14.63
C LYS B 281 19.10 -6.38 -14.25
N MET B 282 20.10 -7.23 -14.48
CA MET B 282 21.48 -6.86 -14.21
C MET B 282 22.38 -7.61 -15.19
N SER B 283 23.45 -6.95 -15.62
CA SER B 283 24.37 -7.55 -16.59
C SER B 283 25.66 -8.07 -15.95
N GLY B 284 26.30 -9.01 -16.63
CA GLY B 284 27.60 -9.52 -16.23
C GLY B 284 28.34 -9.94 -17.50
N LYS B 285 29.46 -10.60 -17.32
CA LYS B 285 30.22 -11.14 -18.45
C LYS B 285 30.14 -12.66 -18.42
N ASP B 286 29.83 -13.26 -19.57
CA ASP B 286 29.72 -14.73 -19.64
C ASP B 286 31.06 -15.41 -19.89
N LYS B 287 31.03 -16.74 -20.04
CA LYS B 287 32.26 -17.53 -20.18
C LYS B 287 33.03 -17.24 -21.47
N ASN B 288 32.39 -16.54 -22.40
CA ASN B 288 33.03 -16.15 -23.66
C ASN B 288 33.49 -14.69 -23.67
N GLY B 289 33.20 -13.98 -22.60
CA GLY B 289 33.55 -12.55 -22.50
C GLY B 289 32.48 -11.62 -23.04
N ASN B 290 31.33 -12.17 -23.43
CA ASN B 290 30.22 -11.35 -23.90
C ASN B 290 29.35 -10.86 -22.77
N THR B 291 28.70 -9.72 -23.00
CA THR B 291 27.67 -9.22 -22.09
C THR B 291 26.52 -10.21 -22.02
N ILE B 292 26.09 -10.52 -20.79
CA ILE B 292 24.95 -11.38 -20.54
C ILE B 292 24.02 -10.65 -19.56
N TRP B 293 22.72 -10.69 -19.84
CA TRP B 293 21.72 -10.09 -18.98
C TRP B 293 20.97 -11.12 -18.16
N PHE B 294 20.86 -10.86 -16.86
CA PHE B 294 20.11 -11.71 -15.95
C PHE B 294 18.81 -11.02 -15.56
N ASN B 295 17.69 -11.70 -15.79
CA ASN B 295 16.38 -11.08 -15.71
C ASN B 295 15.64 -11.40 -14.41
N PRO B 296 14.84 -10.42 -13.91
CA PRO B 296 14.11 -10.62 -12.66
C PRO B 296 13.13 -11.78 -12.70
N GLU B 297 12.51 -12.03 -13.86
CA GLU B 297 11.54 -13.12 -14.01
C GLU B 297 12.18 -14.50 -13.83
N ASP B 298 13.49 -14.58 -14.03
CA ASP B 298 14.25 -15.82 -13.86
C ASP B 298 14.89 -15.92 -12.48
N SER B 299 14.62 -14.92 -11.65
CA SER B 299 15.19 -14.86 -10.30
C SER B 299 14.12 -15.10 -9.23
N ARG B 300 14.55 -15.29 -7.99
CA ARG B 300 13.61 -15.58 -6.92
C ARG B 300 13.17 -14.30 -6.23
N PHE B 301 12.42 -13.49 -6.97
CA PHE B 301 11.98 -12.18 -6.53
C PHE B 301 10.48 -12.20 -6.24
N PHE B 302 10.10 -12.08 -4.97
CA PHE B 302 8.68 -12.18 -4.59
C PHE B 302 8.27 -11.15 -3.55
N GLU B 303 6.97 -10.86 -3.53
CA GLU B 303 6.37 -10.02 -2.50
C GLU B 303 5.18 -10.73 -1.85
N TYR B 304 4.89 -10.33 -0.62
CA TYR B 304 3.67 -10.76 0.04
C TYR B 304 3.10 -9.59 0.83
N LYS B 305 1.90 -9.16 0.45
CA LYS B 305 1.15 -8.11 1.14
C LYS B 305 1.95 -6.82 1.36
N SER B 306 2.65 -6.38 0.32
CA SER B 306 3.25 -5.05 0.32
C SER B 306 2.14 -4.01 0.37
N TYR B 307 2.42 -2.85 0.96
CA TYR B 307 1.47 -1.75 0.96
C TYR B 307 2.18 -0.42 0.75
N GLY B 308 1.42 0.66 0.63
CA GLY B 308 1.99 1.96 0.26
C GLY B 308 1.98 2.17 -1.25
N ALA B 309 2.35 3.37 -1.68
CA ALA B 309 2.20 3.79 -3.08
C ALA B 309 3.12 3.04 -4.04
N GLY B 310 4.20 2.47 -3.51
CA GLY B 310 5.12 1.67 -4.33
C GLY B 310 4.72 0.21 -4.44
N ALA B 311 3.61 -0.16 -3.81
CA ALA B 311 3.15 -1.54 -3.76
C ALA B 311 2.11 -1.84 -4.83
N THR B 312 2.58 -2.20 -6.02
CA THR B 312 1.66 -2.53 -7.10
C THR B 312 1.73 -4.02 -7.41
N VAL B 313 0.58 -4.58 -7.79
CA VAL B 313 0.50 -5.99 -8.10
C VAL B 313 0.25 -6.17 -9.60
N SER B 314 1.24 -6.77 -10.27
CA SER B 314 1.18 -7.00 -11.70
C SER B 314 1.89 -8.32 -12.02
N LYS B 315 1.86 -8.73 -13.29
CA LYS B 315 2.57 -9.92 -13.75
C LYS B 315 4.09 -9.82 -13.55
N ASP B 316 4.61 -8.58 -13.55
CA ASP B 316 6.04 -8.32 -13.36
C ASP B 316 6.43 -8.27 -11.87
N ARG B 317 5.43 -8.42 -10.99
CA ARG B 317 5.68 -8.46 -9.56
C ARG B 317 4.94 -9.62 -8.91
N ARG B 318 5.61 -10.77 -8.93
CA ARG B 318 5.06 -12.02 -8.44
C ARG B 318 4.76 -11.98 -6.94
N GLN B 319 3.64 -12.58 -6.58
CA GLN B 319 3.14 -12.56 -5.20
C GLN B 319 3.13 -13.97 -4.62
N LEU B 320 3.43 -14.06 -3.33
CA LEU B 320 3.32 -15.32 -2.60
C LEU B 320 1.88 -15.58 -2.18
N THR B 321 1.52 -16.87 -2.14
CA THR B 321 0.27 -17.28 -1.52
C THR B 321 0.44 -17.25 0.00
N ASP B 322 -0.66 -17.35 0.74
CA ASP B 322 -0.62 -17.43 2.20
C ASP B 322 0.26 -18.61 2.66
N ALA B 323 0.08 -19.76 2.01
CA ALA B 323 0.87 -20.97 2.32
C ALA B 323 2.35 -20.79 2.02
N GLN B 324 2.67 -20.12 0.92
CA GLN B 324 4.06 -19.82 0.56
C GLN B 324 4.71 -18.84 1.53
N ALA B 325 3.92 -17.85 1.95
CA ALA B 325 4.37 -16.83 2.91
C ALA B 325 4.80 -17.46 4.23
N ALA B 326 4.09 -18.51 4.65
CA ALA B 326 4.36 -19.23 5.89
C ALA B 326 5.74 -19.90 5.92
N GLU B 327 6.39 -19.99 4.75
CA GLU B 327 7.74 -20.54 4.67
C GLU B 327 8.81 -19.51 5.02
N TYR B 328 8.40 -18.27 5.26
CA TYR B 328 9.35 -17.18 5.52
C TYR B 328 9.28 -16.63 6.94
N THR B 329 8.86 -17.47 7.89
CA THR B 329 8.92 -17.13 9.31
C THR B 329 10.37 -17.07 9.76
N GLN B 330 10.63 -16.37 10.87
CA GLN B 330 11.98 -16.31 11.44
C GLN B 330 12.53 -17.71 11.72
N SER B 331 11.68 -18.57 12.29
CA SER B 331 12.02 -19.95 12.59
C SER B 331 12.56 -20.71 11.37
N LYS B 332 11.87 -20.58 10.24
CA LYS B 332 12.25 -21.28 9.02
C LYS B 332 13.50 -20.68 8.37
N VAL B 333 13.57 -19.34 8.35
CA VAL B 333 14.67 -18.64 7.70
C VAL B 333 15.99 -18.82 8.46
N LEU B 334 15.92 -18.74 9.79
CA LEU B 334 17.12 -18.82 10.62
C LEU B 334 17.44 -20.22 11.16
N GLY B 335 16.51 -21.16 10.95
CA GLY B 335 16.68 -22.54 11.40
C GLY B 335 16.82 -22.69 12.91
N ASP B 336 17.86 -23.37 13.34
CA ASP B 336 18.05 -23.67 14.77
C ASP B 336 18.66 -22.51 15.56
N TRP B 337 18.81 -21.35 14.93
CA TRP B 337 19.42 -20.21 15.59
C TRP B 337 18.39 -19.20 16.08
N THR B 338 18.39 -18.97 17.39
CA THR B 338 17.61 -17.89 17.99
C THR B 338 18.56 -16.76 18.34
N PRO B 339 18.50 -15.65 17.59
CA PRO B 339 19.34 -14.50 17.88
C PRO B 339 19.08 -13.96 19.29
N THR B 340 20.13 -13.88 20.09
CA THR B 340 20.03 -13.36 21.46
C THR B 340 21.16 -12.38 21.73
N LEU B 341 20.89 -11.41 22.59
CA LEU B 341 21.90 -10.44 23.02
C LEU B 341 22.41 -10.82 24.40
N PRO B 342 23.65 -10.42 24.74
CA PRO B 342 24.22 -10.77 26.04
C PRO B 342 23.48 -10.10 27.19
C1 M8C C . -23.93 19.29 -6.12
C2 M8C C . -24.56 20.07 -4.97
C3 M8C C . -24.10 19.51 -3.62
O4 M8C C . -25.78 17.79 -3.65
C5 M8C C . -23.70 17.31 -4.76
C6 M8C C . -23.99 15.83 -4.77
O6A M8C C . -24.25 15.24 -5.81
O6B M8C C . -23.94 15.07 -3.53
CH3 M8C C . -24.71 13.88 -3.41
O5 M8C C . -24.17 17.88 -5.98
C4 M8C C . -24.37 18.01 -3.56
O3 M8C C . -24.78 20.20 -2.56
O2 M8C C . -24.17 21.45 -5.06
O1 M8C C . -22.52 19.55 -6.17
C1 ADA C . -26.47 17.14 -2.56
C2 ADA C . -27.78 16.53 -3.05
C3 ADA C . -28.75 17.66 -3.40
C4 ADA C . -28.94 18.59 -2.20
C5 ADA C . -27.59 19.12 -1.74
C6 ADA C . -27.77 19.97 -0.50
O2 ADA C . -27.54 15.68 -4.18
O3 ADA C . -30.02 17.15 -3.85
O4 ADA C . -29.56 17.88 -1.12
O5 ADA C . -26.68 18.04 -1.46
O6B ADA C . -28.54 20.95 -0.57
O6A ADA C . -27.15 19.67 0.54
C1 ADA C . -30.84 18.23 -0.57
C2 ADA C . -31.02 17.73 0.87
C3 ADA C . -31.12 16.20 0.89
C4 ADA C . -32.18 15.71 -0.08
C5 ADA C . -31.92 16.27 -1.48
C6 ADA C . -32.97 15.84 -2.48
O2 ADA C . -29.91 18.14 1.67
O3 ADA C . -31.41 15.76 2.22
O4 ADA C . -33.48 16.11 0.35
O5 ADA C . -31.85 17.71 -1.43
O6B ADA C . -33.32 14.63 -2.50
O6A ADA C . -33.46 16.69 -3.26
C1 ADA C . -34.77 15.58 0.75
C2 ADA C . -36.10 16.25 0.39
C3 ADA C . -36.55 17.26 1.45
C4 ADA C . -36.34 16.76 2.88
C5 ADA C . -34.91 16.26 3.03
C6 ADA C . -34.61 15.84 4.45
O2 ADA C . -35.96 16.93 -0.85
O3 ADA C . -37.94 17.57 1.25
O4 ADA C . -37.25 15.69 3.15
O5 ADA C . -34.70 15.17 2.12
O6B ADA C . -35.10 14.77 4.89
O6A ADA C . -33.89 16.59 5.14
C1 ADA C . -38.13 14.57 3.32
C2 ADA C . -38.36 13.21 3.98
C3 ADA C . -39.06 12.24 3.03
C4 ADA C . -40.31 12.87 2.38
C5 ADA C . -39.97 14.25 1.81
C6 ADA C . -41.20 14.92 1.26
O2 ADA C . -37.12 12.65 4.41
O3 ADA C . -39.42 11.04 3.72
O4 ADA C . -41.37 12.96 3.35
O5 ADA C . -39.37 15.09 2.81
O6B ADA C . -41.39 14.89 0.03
O6A ADA C . -41.99 15.49 2.06
C1 M8C C . -42.47 12.44 4.14
C2 M8C C . -43.86 12.97 3.79
C3 M8C C . -44.11 14.30 4.51
O4 M8C C . -44.86 13.46 6.67
C5 M8C C . -42.46 13.52 6.28
C6 M8C C . -42.27 13.29 7.75
O6A M8C C . -42.81 12.34 8.30
O6B M8C C . -41.45 14.19 8.54
CH3 M8C C . -40.22 13.74 9.11
O5 M8C C . -42.36 12.29 5.56
C4 M8C C . -43.81 14.19 6.01
O3 M8C C . -45.46 14.71 4.30
O2 M8C C . -43.98 13.16 2.37
C1 M8C D . 28.77 -2.21 -10.53
C2 M8C D . 29.34 -3.46 -11.23
C3 M8C D . 28.51 -4.69 -10.88
O4 M8C D . 29.62 -5.03 -8.76
C5 M8C D . 27.71 -3.54 -8.81
C6 M8C D . 27.55 -3.60 -7.31
O6A M8C D . 27.73 -2.62 -6.61
O6B M8C D . 27.15 -4.84 -6.69
CH3 M8C D . 27.46 -5.02 -5.31
O5 M8C D . 28.59 -2.46 -9.12
C4 M8C D . 28.34 -4.82 -9.36
O3 M8C D . 29.14 -5.85 -11.44
O2 M8C D . 29.36 -3.26 -12.64
O1 M8C D . 27.53 -1.83 -11.13
C1 ADA D . 29.86 -6.20 -7.95
C2 ADA D . 31.03 -5.96 -6.98
C3 ADA D . 32.33 -5.89 -7.77
C4 ADA D . 32.52 -7.15 -8.62
C5 ADA D . 31.30 -7.32 -9.53
C6 ADA D . 31.42 -8.56 -10.38
O2 ADA D . 30.82 -4.77 -6.21
O3 ADA D . 33.45 -5.69 -6.89
O4 ADA D . 32.64 -8.32 -7.81
O5 ADA D . 30.09 -7.37 -8.76
O6B ADA D . 32.41 -8.66 -11.13
O6A ADA D . 30.52 -9.42 -10.32
C1 ADA D . 33.85 -9.10 -7.82
C2 ADA D . 33.54 -10.54 -7.38
C3 ADA D . 33.06 -10.57 -5.93
C4 ADA D . 34.05 -9.84 -5.02
C5 ADA D . 34.35 -8.44 -5.56
C6 ADA D . 35.38 -7.70 -4.74
O2 ADA D . 32.53 -11.10 -8.24
O3 ADA D . 32.88 -11.93 -5.52
O4 ADA D . 35.26 -10.60 -4.93
O5 ADA D . 34.78 -8.49 -6.92
O6B ADA D . 35.32 -7.77 -3.50
O6A ADA D . 36.26 -7.02 -5.34
C1 ADA D . 35.63 -11.66 -4.02
C2 ADA D . 36.74 -11.58 -2.98
C3 ADA D . 38.08 -11.39 -3.70
C4 ADA D . 38.30 -12.51 -4.72
C5 ADA D . 37.09 -12.68 -5.63
C6 ADA D . 37.21 -13.89 -6.53
O2 ADA D . 36.48 -10.50 -2.07
O3 ADA D . 39.14 -11.35 -2.73
O4 ADA D . 38.58 -13.74 -4.03
O5 ADA D . 35.89 -12.80 -4.85
O6B ADA D . 38.36 -14.34 -6.81
O6A ADA D . 36.16 -14.41 -6.98
C1 ADA D . 39.33 -14.89 -3.60
C2 ADA D . 38.60 -16.18 -3.22
C3 ADA D . 38.22 -16.21 -1.73
C4 ADA D . 39.37 -15.77 -0.83
C5 ADA D . 39.99 -14.47 -1.35
C6 ADA D . 41.14 -14.05 -0.47
O2 ADA D . 37.43 -16.33 -4.02
O3 ADA D . 37.76 -17.52 -1.38
O4 ADA D . 40.37 -16.82 -0.77
O5 ADA D . 40.43 -14.64 -2.71
O6B ADA D . 40.91 -13.26 0.46
O6A ADA D . 42.29 -14.50 -0.72
C1 M8C D . 41.24 -17.96 -0.83
C2 M8C D . 42.77 -18.09 -0.83
C3 M8C D . 43.32 -18.24 -2.26
O4 M8C D . 42.94 -20.61 -2.63
C5 M8C D . 41.04 -19.11 -2.92
C6 M8C D . 40.29 -20.21 -3.62
O6A M8C D . 40.11 -21.29 -3.09
O6B M8C D . 39.78 -20.00 -4.98
CH3 M8C D . 38.41 -19.65 -5.18
O5 M8C D . 40.67 -19.07 -1.53
C4 M8C D . 42.56 -19.30 -3.06
O3 M8C D . 44.71 -18.58 -2.20
O2 M8C D . 43.36 -16.94 -0.21
#